data_5NTI
#
_entry.id   5NTI
#
_cell.length_a   86.289
_cell.length_b   70.000
_cell.length_c   96.863
_cell.angle_alpha   90.000
_cell.angle_beta   108.070
_cell.angle_gamma   90.000
#
_symmetry.space_group_name_H-M   'P 1 21 1'
#
loop_
_entity.id
_entity.type
_entity.pdbx_description
1 polymer 'Nuclear receptor ROR-gamma'
2 polymer ASN-SER-HIS-GLN-LYS-VAL-THR-LEU-LEU-GLN-LEU-LEU-LEU-GLY-HIS-LYS-ASN-GLU-GLU-ASN
3 non-polymer 'CHOLEST-5-EN-3-YL HYDROGEN SULFATE'
4 water water
#
loop_
_entity_poly.entity_id
_entity_poly.type
_entity_poly.pdbx_seq_one_letter_code
_entity_poly.pdbx_strand_id
1 'polypeptide(L)'
;GPYASLTEIEHLVQSVCKSYRETCQLRLEDLLRQRSNIFSREEVTGYQRKSMWEMWERCAHHLTEAIQYVVEFAKRLSGF
MELCQNDQIVLLKAGAMEVVLVRMCRAYNADNRTVFFEGKYGGMELFRALGCSELISSIFDFSHSLSALHFSEDEIALYT
ALVLINAHRPGLQEKRKVEQLQYNLELAFHHHLSKTHRQSILAKLPPKGKLRSLCSQHVERLQIFQHLHPIVVQAAFPPL
YKELFSTETESPVGLSK
;
A,B,C,D
2 'polypeptide(L)' NSHQKVTLLQLLLGHKNEEN P,Q,R,S
#
loop_
_chem_comp.id
_chem_comp.type
_chem_comp.name
_chem_comp.formula
C3S non-polymer 'CHOLEST-5-EN-3-YL HYDROGEN SULFATE' 'C27 H46 O4 S'
#
# COMPACT_ATOMS: atom_id res chain seq x y z
N TYR A 3 -30.19 13.23 25.80
CA TYR A 3 -29.94 14.48 26.55
C TYR A 3 -29.33 14.13 27.91
N ALA A 4 -28.04 13.82 27.92
CA ALA A 4 -27.35 13.42 29.14
C ALA A 4 -27.23 14.57 30.15
N SER A 5 -27.70 14.32 31.37
CA SER A 5 -27.63 15.31 32.44
C SER A 5 -26.19 15.50 32.92
N LEU A 6 -25.96 16.54 33.72
CA LEU A 6 -24.64 16.83 34.27
C LEU A 6 -24.10 15.69 35.14
N THR A 7 -24.99 14.96 35.80
CA THR A 7 -24.62 13.78 36.58
C THR A 7 -24.20 12.63 35.66
N GLU A 8 -24.95 12.42 34.58
CA GLU A 8 -24.61 11.42 33.55
C GLU A 8 -23.24 11.70 32.92
N ILE A 9 -22.96 12.97 32.66
CA ILE A 9 -21.70 13.41 32.07
C ILE A 9 -20.54 13.18 33.05
N GLU A 10 -20.73 13.59 34.31
CA GLU A 10 -19.75 13.37 35.36
C GLU A 10 -19.46 11.88 35.60
N HIS A 11 -20.50 11.06 35.49
CA HIS A 11 -20.35 9.61 35.59
C HIS A 11 -19.62 9.03 34.38
N LEU A 12 -19.86 9.62 33.21
CA LEU A 12 -19.21 9.21 31.97
C LEU A 12 -17.71 9.52 31.99
N VAL A 13 -17.35 10.66 32.60
CA VAL A 13 -15.95 11.04 32.78
C VAL A 13 -15.21 10.01 33.63
N GLN A 14 -15.78 9.68 34.78
CA GLN A 14 -15.17 8.75 35.73
C GLN A 14 -15.09 7.33 35.16
N SER A 15 -16.13 6.95 34.42
CA SER A 15 -16.21 5.65 33.74
C SER A 15 -15.15 5.49 32.64
N VAL A 16 -14.88 6.58 31.92
CA VAL A 16 -13.88 6.58 30.83
C VAL A 16 -12.46 6.50 31.40
N CYS A 17 -12.19 7.30 32.43
CA CYS A 17 -10.88 7.35 33.05
C CYS A 17 -10.53 6.06 33.81
N LYS A 18 -11.54 5.36 34.32
CA LYS A 18 -11.36 4.06 34.97
C LYS A 18 -11.06 2.97 33.94
N SER A 19 -11.84 2.94 32.86
CA SER A 19 -11.62 2.01 31.75
C SER A 19 -10.17 2.08 31.26
N TYR A 20 -9.67 3.31 31.15
CA TYR A 20 -8.32 3.60 30.68
C TYR A 20 -7.22 3.13 31.64
N ARG A 21 -7.34 3.50 32.92
CA ARG A 21 -6.43 3.08 33.99
C ARG A 21 -6.26 1.56 34.07
N GLU A 22 -7.34 0.84 33.80
CA GLU A 22 -7.38 -0.62 33.92
C GLU A 22 -6.87 -1.35 32.68
N THR A 23 -6.74 -0.63 31.57
CA THR A 23 -6.39 -1.26 30.29
C THR A 23 -5.10 -0.74 29.69
N CYS A 24 -4.29 -0.07 30.50
CA CYS A 24 -2.95 0.33 30.09
C CYS A 24 -1.97 -0.81 30.31
N GLN A 25 -1.21 -1.14 29.27
CA GLN A 25 -0.20 -2.19 29.35
C GLN A 25 0.97 -1.83 30.27
N LEU A 26 1.30 -0.54 30.33
CA LEU A 26 2.44 -0.06 31.13
C LEU A 26 2.03 0.99 32.16
N ARG A 27 2.59 0.87 33.36
CA ARG A 27 2.37 1.86 34.42
C ARG A 27 3.20 3.11 34.11
N LEU A 28 2.59 4.28 34.27
CA LEU A 28 3.27 5.54 34.00
C LEU A 28 4.46 5.77 34.93
N GLU A 29 4.38 5.20 36.14
CA GLU A 29 5.45 5.25 37.12
C GLU A 29 6.70 4.49 36.67
N ASP A 30 6.51 3.34 36.03
CA ASP A 30 7.61 2.56 35.48
C ASP A 30 8.29 3.28 34.32
N LEU A 31 7.48 3.87 33.45
CA LEU A 31 7.97 4.54 32.24
C LEU A 31 8.90 5.71 32.54
N LEU A 32 8.59 6.45 33.59
CA LEU A 32 9.44 7.56 34.02
C LEU A 32 10.64 7.07 34.84
N ARG A 33 10.45 5.95 35.56
CA ARG A 33 11.55 5.31 36.30
C ARG A 33 12.65 4.83 35.36
N GLN A 34 12.26 4.34 34.18
CA GLN A 34 13.20 3.77 33.23
C GLN A 34 13.77 4.79 32.24
N ARG A 35 13.55 6.08 32.48
CA ARG A 35 14.01 7.15 31.59
CA ARG A 35 14.01 7.14 31.58
C ARG A 35 15.53 7.14 31.39
N SER A 36 16.27 6.90 32.47
CA SER A 36 17.73 6.84 32.42
C SER A 36 18.23 5.58 31.71
N ASN A 37 17.37 4.57 31.64
CA ASN A 37 17.67 3.31 30.98
C ASN A 37 17.51 3.42 29.46
N ILE A 38 18.63 3.65 28.78
CA ILE A 38 18.63 3.92 27.34
C ILE A 38 19.53 2.92 26.62
N PHE A 39 19.09 2.44 25.45
CA PHE A 39 19.88 1.51 24.64
C PHE A 39 21.24 2.09 24.28
N SER A 40 22.28 1.27 24.43
CA SER A 40 23.64 1.67 24.11
C SER A 40 23.89 1.63 22.60
N ARG A 41 25.02 2.20 22.19
CA ARG A 41 25.42 2.24 20.79
C ARG A 41 25.60 0.84 20.19
N GLU A 42 25.97 -0.11 21.05
CA GLU A 42 26.17 -1.51 20.64
C GLU A 42 24.82 -2.23 20.48
N GLU A 43 23.89 -1.92 21.37
CA GLU A 43 22.55 -2.52 21.34
C GLU A 43 21.71 -2.01 20.18
N VAL A 44 21.88 -0.72 19.84
CA VAL A 44 21.21 -0.11 18.68
C VAL A 44 21.67 -0.78 17.38
N THR A 45 22.98 -0.96 17.25
CA THR A 45 23.60 -1.62 16.09
C THR A 45 23.05 -3.04 15.91
N GLY A 46 22.87 -3.76 17.02
CA GLY A 46 22.26 -5.09 17.03
C GLY A 46 20.86 -5.10 16.45
N TYR A 47 20.03 -4.13 16.84
CA TYR A 47 18.69 -3.98 16.31
C TYR A 47 18.71 -3.61 14.82
N GLN A 48 19.67 -2.78 14.45
CA GLN A 48 19.82 -2.33 13.07
C GLN A 48 20.34 -3.43 12.16
N ARG A 49 20.99 -4.43 12.74
CA ARG A 49 21.53 -5.56 11.96
C ARG A 49 20.65 -6.81 12.00
N LYS A 50 19.48 -6.70 12.61
CA LYS A 50 18.46 -7.74 12.52
C LYS A 50 17.93 -7.81 11.10
N SER A 51 17.54 -9.00 10.67
CA SER A 51 16.89 -9.15 9.37
C SER A 51 15.55 -8.42 9.39
N MET A 52 15.13 -7.96 8.22
CA MET A 52 13.86 -7.25 8.08
C MET A 52 12.70 -8.07 8.67
N TRP A 53 12.64 -9.34 8.27
CA TRP A 53 11.56 -10.23 8.72
C TRP A 53 11.47 -10.35 10.24
N GLU A 54 12.62 -10.44 10.90
CA GLU A 54 12.66 -10.59 12.35
C GLU A 54 12.17 -9.34 13.07
N MET A 55 12.65 -8.18 12.63
CA MET A 55 12.25 -6.91 13.23
C MET A 55 10.76 -6.64 13.04
N TRP A 56 10.26 -6.87 11.83
CA TRP A 56 8.83 -6.72 11.53
C TRP A 56 7.98 -7.63 12.39
N GLU A 57 8.44 -8.87 12.52
CA GLU A 57 7.79 -9.89 13.33
C GLU A 57 7.71 -9.46 14.79
N ARG A 58 8.82 -8.99 15.34
CA ARG A 58 8.87 -8.50 16.72
C ARG A 58 7.91 -7.33 16.92
N CYS A 59 8.02 -6.33 16.05
CA CYS A 59 7.19 -5.13 16.15
C CYS A 59 5.70 -5.44 16.02
N ALA A 60 5.35 -6.30 15.06
CA ALA A 60 3.96 -6.72 14.86
C ALA A 60 3.42 -7.44 16.09
N HIS A 61 4.25 -8.26 16.74
CA HIS A 61 3.84 -8.89 17.99
C HIS A 61 3.54 -7.87 19.10
N HIS A 62 4.48 -6.95 19.33
CA HIS A 62 4.31 -5.93 20.38
C HIS A 62 3.17 -4.98 20.10
N LEU A 63 2.99 -4.64 18.82
CA LEU A 63 1.87 -3.80 18.39
C LEU A 63 0.54 -4.50 18.62
N THR A 64 0.48 -5.79 18.30
CA THR A 64 -0.74 -6.58 18.48
C THR A 64 -1.11 -6.66 19.97
N GLU A 65 -0.09 -6.79 20.81
CA GLU A 65 -0.28 -6.84 22.25
C GLU A 65 -0.98 -5.57 22.76
N ALA A 66 -0.45 -4.41 22.37
CA ALA A 66 -1.03 -3.12 22.69
C ALA A 66 -2.48 -3.00 22.19
N ILE A 67 -2.73 -3.52 21.00
CA ILE A 67 -4.07 -3.51 20.41
C ILE A 67 -5.05 -4.35 21.23
N GLN A 68 -4.59 -5.49 21.76
CA GLN A 68 -5.40 -6.32 22.64
C GLN A 68 -5.90 -5.55 23.86
N TYR A 69 -5.06 -4.64 24.35
CA TYR A 69 -5.42 -3.74 25.44
C TYR A 69 -6.42 -2.68 25.00
N VAL A 70 -6.29 -2.22 23.74
CA VAL A 70 -7.22 -1.25 23.17
C VAL A 70 -8.62 -1.88 23.01
N VAL A 71 -8.66 -3.14 22.59
CA VAL A 71 -9.92 -3.88 22.48
C VAL A 71 -10.58 -3.97 23.85
N GLU A 72 -9.77 -4.22 24.88
CA GLU A 72 -10.25 -4.29 26.26
C GLU A 72 -10.79 -2.93 26.76
N PHE A 73 -10.08 -1.86 26.41
CA PHE A 73 -10.53 -0.49 26.67
C PHE A 73 -11.92 -0.24 26.07
N ALA A 74 -12.08 -0.61 24.81
CA ALA A 74 -13.35 -0.49 24.09
C ALA A 74 -14.49 -1.24 24.79
N LYS A 75 -14.20 -2.46 25.22
CA LYS A 75 -15.19 -3.32 25.87
C LYS A 75 -15.73 -2.75 27.18
N ARG A 76 -14.90 -1.98 27.88
CA ARG A 76 -15.28 -1.39 29.17
C ARG A 76 -15.76 0.03 29.01
N LEU A 77 -15.63 0.56 27.79
CA LEU A 77 -15.99 1.94 27.50
C LEU A 77 -17.51 2.10 27.51
N SER A 78 -17.98 3.03 28.34
CA SER A 78 -19.40 3.30 28.51
C SER A 78 -20.08 3.65 27.18
N GLY A 79 -20.97 2.78 26.74
CA GLY A 79 -21.72 2.98 25.50
C GLY A 79 -21.24 2.20 24.29
N PHE A 80 -19.96 1.82 24.26
CA PHE A 80 -19.40 1.09 23.12
C PHE A 80 -20.09 -0.25 22.87
N MET A 81 -20.35 -0.98 23.95
CA MET A 81 -21.00 -2.30 23.85
C MET A 81 -22.49 -2.17 23.57
N GLU A 82 -23.04 -0.98 23.78
CA GLU A 82 -24.43 -0.70 23.45
C GLU A 82 -24.69 -0.56 21.95
N LEU A 83 -23.65 -0.16 21.20
CA LEU A 83 -23.74 -0.08 19.75
C LEU A 83 -23.89 -1.48 19.14
N CYS A 84 -24.43 -1.57 17.94
CA CYS A 84 -24.62 -2.85 17.27
C CYS A 84 -23.27 -3.51 16.95
N GLN A 85 -23.30 -4.83 16.72
CA GLN A 85 -22.07 -5.60 16.51
C GLN A 85 -21.20 -5.07 15.37
N ASN A 86 -21.82 -4.84 14.21
CA ASN A 86 -21.13 -4.33 13.03
C ASN A 86 -20.35 -3.05 13.30
N ASP A 87 -20.96 -2.14 14.06
CA ASP A 87 -20.37 -0.83 14.32
C ASP A 87 -19.23 -0.90 15.33
N GLN A 88 -19.28 -1.89 16.22
CA GLN A 88 -18.16 -2.18 17.12
C GLN A 88 -16.94 -2.57 16.30
N ILE A 89 -17.14 -3.50 15.37
CA ILE A 89 -16.09 -3.97 14.45
C ILE A 89 -15.48 -2.81 13.68
N VAL A 90 -16.34 -2.00 13.06
CA VAL A 90 -15.89 -0.87 12.24
C VAL A 90 -15.06 0.12 13.05
N LEU A 91 -15.55 0.51 14.23
CA LEU A 91 -14.84 1.48 15.07
C LEU A 91 -13.49 0.94 15.53
N LEU A 92 -13.46 -0.32 15.95
CA LEU A 92 -12.21 -0.94 16.39
C LEU A 92 -11.22 -1.15 15.24
N LYS A 93 -11.71 -1.65 14.10
CA LYS A 93 -10.85 -1.90 12.94
C LYS A 93 -10.17 -0.62 12.46
N ALA A 94 -10.93 0.48 12.40
CA ALA A 94 -10.36 1.75 11.98
C ALA A 94 -9.60 2.46 13.10
N GLY A 95 -10.02 2.24 14.35
CA GLY A 95 -9.52 3.04 15.47
C GLY A 95 -8.48 2.43 16.39
N ALA A 96 -8.29 1.11 16.32
CA ALA A 96 -7.34 0.42 17.19
C ALA A 96 -5.93 1.01 17.10
N MET A 97 -5.39 1.05 15.87
CA MET A 97 -4.05 1.61 15.61
C MET A 97 -3.95 3.08 16.00
N GLU A 98 -5.01 3.84 15.76
CA GLU A 98 -5.08 5.25 16.14
C GLU A 98 -4.93 5.47 17.66
N VAL A 99 -5.62 4.64 18.44
CA VAL A 99 -5.50 4.70 19.90
C VAL A 99 -4.06 4.41 20.37
N VAL A 100 -3.47 3.34 19.83
CA VAL A 100 -2.08 2.96 20.17
C VAL A 100 -1.10 4.11 19.88
N LEU A 101 -1.27 4.75 18.72
CA LEU A 101 -0.40 5.87 18.33
C LEU A 101 -0.50 7.06 19.28
N VAL A 102 -1.69 7.26 19.85
CA VAL A 102 -1.89 8.28 20.88
C VAL A 102 -1.30 7.83 22.21
N ARG A 103 -1.65 6.61 22.64
CA ARG A 103 -1.15 6.02 23.88
C ARG A 103 0.37 6.00 23.95
N MET A 104 1.01 6.04 22.79
CA MET A 104 2.47 5.98 22.68
C MET A 104 3.20 7.12 23.41
N CYS A 105 2.56 8.30 23.50
CA CYS A 105 3.20 9.45 24.13
C CYS A 105 3.51 9.25 25.63
N ARG A 106 2.85 8.30 26.27
CA ARG A 106 3.18 7.91 27.65
C ARG A 106 4.52 7.20 27.71
N ALA A 107 4.87 6.52 26.62
CA ALA A 107 6.12 5.77 26.54
C ALA A 107 7.20 6.57 25.81
N TYR A 108 6.89 7.83 25.52
CA TYR A 108 7.77 8.69 24.75
C TYR A 108 8.45 9.76 25.60
N ASN A 109 9.76 9.85 25.47
CA ASN A 109 10.55 10.88 26.13
C ASN A 109 10.91 11.97 25.13
N ALA A 110 10.36 13.17 25.36
CA ALA A 110 10.59 14.31 24.47
C ALA A 110 12.02 14.83 24.54
N ASP A 111 12.63 14.71 25.72
CA ASP A 111 13.94 15.29 26.00
C ASP A 111 15.07 14.70 25.14
N ASN A 112 15.03 13.39 24.90
CA ASN A 112 16.01 12.73 24.03
C ASN A 112 15.39 12.03 22.82
N ARG A 113 14.08 12.22 22.63
CA ARG A 113 13.35 11.72 21.45
C ARG A 113 13.40 10.19 21.32
N THR A 114 13.13 9.52 22.43
CA THR A 114 13.19 8.06 22.52
C THR A 114 11.83 7.49 22.91
N VAL A 115 11.59 6.24 22.52
CA VAL A 115 10.40 5.51 22.97
C VAL A 115 10.80 4.25 23.74
N PHE A 116 10.02 3.90 24.76
CA PHE A 116 10.21 2.67 25.51
C PHE A 116 9.83 1.45 24.66
N PHE A 117 10.81 0.59 24.41
CA PHE A 117 10.67 -0.56 23.52
C PHE A 117 11.53 -1.74 24.00
N GLU A 118 10.90 -2.91 24.13
CA GLU A 118 11.57 -4.13 24.62
C GLU A 118 12.55 -3.90 25.77
N GLY A 119 12.07 -3.24 26.82
CA GLY A 119 12.83 -3.08 28.05
C GLY A 119 13.57 -1.77 28.28
N LYS A 120 13.92 -1.07 27.21
CA LYS A 120 14.67 0.19 27.34
C LYS A 120 14.18 1.28 26.39
N TYR A 121 14.76 2.48 26.50
CA TYR A 121 14.45 3.60 25.60
C TYR A 121 15.41 3.64 24.44
N GLY A 122 14.87 3.84 23.24
CA GLY A 122 15.68 4.02 22.04
C GLY A 122 15.07 5.00 21.07
N GLY A 123 15.91 5.60 20.24
CA GLY A 123 15.45 6.50 19.19
C GLY A 123 14.87 5.74 18.02
N MET A 124 14.35 6.47 17.04
CA MET A 124 13.80 5.87 15.82
C MET A 124 14.83 5.08 15.00
N GLU A 125 16.11 5.32 15.28
CA GLU A 125 17.21 4.57 14.69
C GLU A 125 17.10 3.06 14.95
N LEU A 126 16.54 2.69 16.11
CA LEU A 126 16.26 1.29 16.46
C LEU A 126 15.53 0.50 15.37
N PHE A 127 14.66 1.19 14.66
CA PHE A 127 13.68 0.56 13.79
C PHE A 127 14.07 0.57 12.32
N ARG A 128 15.35 0.84 12.04
CA ARG A 128 15.85 0.95 10.67
C ARG A 128 15.75 -0.35 9.87
N ALA A 129 15.88 -1.49 10.54
CA ALA A 129 15.78 -2.78 9.85
C ALA A 129 14.39 -3.04 9.28
N LEU A 130 13.38 -2.31 9.75
CA LEU A 130 12.02 -2.41 9.21
C LEU A 130 11.99 -1.98 7.74
N GLY A 131 12.81 -0.98 7.39
CA GLY A 131 12.85 -0.45 6.03
C GLY A 131 11.62 0.40 5.73
N CYS A 132 11.23 1.23 6.70
CA CYS A 132 10.13 2.19 6.54
C CYS A 132 10.38 3.39 7.44
N SER A 133 11.51 4.05 7.20
CA SER A 133 11.98 5.14 8.07
C SER A 133 11.12 6.40 8.02
N GLU A 134 10.47 6.65 6.88
CA GLU A 134 9.52 7.78 6.79
C GLU A 134 8.32 7.58 7.72
N LEU A 135 7.80 6.36 7.78
CA LEU A 135 6.71 6.04 8.70
C LEU A 135 7.13 6.13 10.17
N ILE A 136 8.30 5.56 10.49
CA ILE A 136 8.80 5.57 11.86
C ILE A 136 9.03 7.00 12.34
N SER A 137 9.69 7.81 11.53
CA SER A 137 9.94 9.21 11.88
C SER A 137 8.65 10.04 11.91
N SER A 138 7.69 9.70 11.05
CA SER A 138 6.35 10.29 11.12
C SER A 138 5.69 10.02 12.48
N ILE A 139 5.80 8.77 12.94
CA ILE A 139 5.23 8.35 14.23
C ILE A 139 5.93 9.05 15.41
N PHE A 140 7.26 9.13 15.34
CA PHE A 140 8.05 9.86 16.33
C PHE A 140 7.76 11.37 16.36
N ASP A 141 7.44 11.93 15.18
CA ASP A 141 7.01 13.34 15.07
C ASP A 141 5.64 13.54 15.73
N PHE A 142 4.73 12.61 15.49
CA PHE A 142 3.37 12.65 16.05
C PHE A 142 3.39 12.58 17.58
N SER A 143 4.18 11.66 18.11
CA SER A 143 4.31 11.51 19.55
C SER A 143 4.97 12.73 20.17
N HIS A 144 5.88 13.35 19.43
CA HIS A 144 6.58 14.54 19.89
C HIS A 144 5.65 15.74 19.95
N SER A 145 4.68 15.79 19.04
CA SER A 145 3.69 16.85 19.02
C SER A 145 2.67 16.68 20.15
N LEU A 146 2.37 15.43 20.51
CA LEU A 146 1.46 15.15 21.63
C LEU A 146 2.09 15.45 22.98
N SER A 147 3.41 15.24 23.09
CA SER A 147 4.12 15.51 24.34
C SER A 147 4.14 17.01 24.66
N ALA A 148 4.04 17.83 23.61
CA ALA A 148 3.98 19.28 23.75
C ALA A 148 2.66 19.74 24.38
N LEU A 149 1.66 18.86 24.34
CA LEU A 149 0.34 19.16 24.91
C LEU A 149 0.28 18.83 26.40
N HIS A 150 1.29 18.11 26.88
CA HIS A 150 1.43 17.73 28.29
C HIS A 150 0.18 17.08 28.88
N PHE A 151 -0.35 16.08 28.16
CA PHE A 151 -1.53 15.34 28.59
C PHE A 151 -1.36 14.74 29.99
N SER A 152 -2.45 14.76 30.76
CA SER A 152 -2.56 13.94 31.96
C SER A 152 -3.27 12.65 31.57
N GLU A 153 -3.23 11.64 32.45
CA GLU A 153 -3.86 10.35 32.17
C GLU A 153 -5.35 10.49 31.83
N ASP A 154 -6.06 11.29 32.62
CA ASP A 154 -7.49 11.50 32.42
C ASP A 154 -7.78 12.11 31.05
N GLU A 155 -6.89 13.00 30.62
CA GLU A 155 -7.03 13.68 29.33
C GLU A 155 -6.82 12.72 28.16
N ILE A 156 -5.78 11.90 28.24
CA ILE A 156 -5.52 10.84 27.26
C ILE A 156 -6.69 9.86 27.21
N ALA A 157 -7.21 9.49 28.37
CA ALA A 157 -8.37 8.60 28.49
C ALA A 157 -9.55 9.11 27.69
N LEU A 158 -9.90 10.37 27.95
CA LEU A 158 -11.02 11.03 27.30
C LEU A 158 -10.74 11.30 25.82
N TYR A 159 -9.50 11.68 25.50
CA TYR A 159 -9.11 11.87 24.11
C TYR A 159 -9.14 10.55 23.30
N THR A 160 -8.55 9.48 23.83
CA THR A 160 -8.55 8.18 23.11
C THR A 160 -9.95 7.60 22.93
N ALA A 161 -10.84 7.87 23.87
CA ALA A 161 -12.26 7.50 23.75
C ALA A 161 -12.88 8.16 22.52
N LEU A 162 -12.57 9.43 22.32
CA LEU A 162 -13.04 10.19 21.15
C LEU A 162 -12.38 9.73 19.85
N VAL A 163 -11.12 9.32 19.95
CA VAL A 163 -10.42 8.72 18.82
C VAL A 163 -11.13 7.45 18.34
N LEU A 164 -11.55 6.61 19.28
CA LEU A 164 -12.25 5.37 18.99
C LEU A 164 -13.68 5.61 18.49
N ILE A 165 -14.45 6.40 19.24
CA ILE A 165 -15.85 6.67 18.89
C ILE A 165 -15.93 7.87 17.93
N ASN A 166 -15.87 7.56 16.64
CA ASN A 166 -15.77 8.54 15.57
C ASN A 166 -16.83 8.21 14.53
N ALA A 167 -17.87 9.03 14.48
CA ALA A 167 -19.06 8.75 13.65
C ALA A 167 -18.81 8.88 12.14
N HIS A 168 -17.63 9.34 11.76
CA HIS A 168 -17.27 9.52 10.36
C HIS A 168 -16.71 8.26 9.70
N ARG A 169 -16.50 7.19 10.47
CA ARG A 169 -15.98 5.94 9.90
C ARG A 169 -16.97 5.37 8.88
N PRO A 170 -16.49 5.09 7.66
CA PRO A 170 -17.33 4.50 6.60
C PRO A 170 -17.83 3.11 6.98
N GLY A 171 -19.08 2.82 6.61
CA GLY A 171 -19.67 1.50 6.82
C GLY A 171 -20.43 1.32 8.11
N LEU A 172 -20.71 2.40 8.82
CA LEU A 172 -21.49 2.34 10.05
C LEU A 172 -22.97 2.11 9.75
N GLN A 173 -23.51 1.02 10.28
CA GLN A 173 -24.91 0.64 10.08
C GLN A 173 -25.90 1.53 10.83
N GLU A 174 -25.50 1.97 12.02
CA GLU A 174 -26.35 2.82 12.86
C GLU A 174 -25.64 4.12 13.23
N LYS A 175 -25.21 4.84 12.20
CA LYS A 175 -24.44 6.09 12.32
C LYS A 175 -24.94 7.08 13.37
N ARG A 176 -26.25 7.22 13.49
CA ARG A 176 -26.85 8.20 14.41
C ARG A 176 -26.61 7.85 15.89
N LYS A 177 -26.67 6.55 16.21
CA LYS A 177 -26.40 6.09 17.57
C LYS A 177 -24.94 6.38 17.94
N VAL A 178 -24.05 6.26 16.95
CA VAL A 178 -22.63 6.57 17.12
C VAL A 178 -22.42 8.08 17.32
N GLU A 179 -23.15 8.89 16.57
CA GLU A 179 -23.12 10.35 16.69
C GLU A 179 -23.51 10.82 18.10
N GLN A 180 -24.52 10.18 18.68
CA GLN A 180 -25.00 10.53 20.02
C GLN A 180 -23.97 10.23 21.12
N LEU A 181 -23.38 9.03 21.07
CA LEU A 181 -22.32 8.65 21.99
C LEU A 181 -21.08 9.51 21.82
N GLN A 182 -20.71 9.79 20.57
CA GLN A 182 -19.58 10.66 20.27
C GLN A 182 -19.78 12.03 20.92
N TYR A 183 -20.98 12.59 20.75
CA TYR A 183 -21.31 13.89 21.32
C TYR A 183 -21.22 13.89 22.85
N ASN A 184 -21.78 12.86 23.49
CA ASN A 184 -21.70 12.73 24.93
C ASN A 184 -20.27 12.63 25.46
N LEU A 185 -19.42 11.93 24.72
CA LEU A 185 -17.99 11.85 25.06
C LEU A 185 -17.28 13.19 24.85
N GLU A 186 -17.70 13.94 23.82
CA GLU A 186 -17.25 15.33 23.64
C GLU A 186 -17.68 16.19 24.84
N LEU A 187 -18.91 16.01 25.30
CA LEU A 187 -19.40 16.70 26.50
C LEU A 187 -18.56 16.32 27.72
N ALA A 188 -18.30 15.02 27.88
CA ALA A 188 -17.43 14.52 28.95
C ALA A 188 -16.04 15.11 28.85
N PHE A 189 -15.49 15.14 27.64
CA PHE A 189 -14.16 15.70 27.40
C PHE A 189 -14.11 17.17 27.80
N HIS A 190 -15.01 17.98 27.22
CA HIS A 190 -15.04 19.42 27.48
C HIS A 190 -15.33 19.75 28.95
N HIS A 191 -16.18 18.95 29.58
CA HIS A 191 -16.51 19.11 30.99
C HIS A 191 -15.27 18.98 31.88
N HIS A 192 -14.51 17.91 31.69
CA HIS A 192 -13.31 17.67 32.48
C HIS A 192 -12.24 18.74 32.27
N LEU A 193 -12.04 19.13 31.02
CA LEU A 193 -11.05 20.14 30.66
C LEU A 193 -11.34 21.49 31.30
N SER A 194 -12.60 21.93 31.24
CA SER A 194 -13.00 23.24 31.79
C SER A 194 -12.85 23.30 33.31
N LYS A 195 -13.12 22.17 33.98
CA LYS A 195 -12.92 22.04 35.42
C LYS A 195 -11.46 22.20 35.81
N THR A 196 -10.58 21.79 34.91
CA THR A 196 -9.13 21.80 35.16
C THR A 196 -8.43 22.98 34.49
N HIS A 197 -9.22 23.86 33.87
CA HIS A 197 -8.73 25.02 33.11
C HIS A 197 -7.76 24.62 31.99
N ARG A 198 -8.22 23.68 31.16
CA ARG A 198 -7.37 23.04 30.16
C ARG A 198 -7.99 23.00 28.76
N GLN A 199 -9.05 23.77 28.55
CA GLN A 199 -9.73 23.81 27.24
C GLN A 199 -8.86 24.34 26.11
N SER A 200 -7.74 24.99 26.48
CA SER A 200 -6.80 25.59 25.53
C SER A 200 -6.09 24.57 24.63
N ILE A 201 -6.06 23.31 25.05
CA ILE A 201 -5.43 22.24 24.25
C ILE A 201 -6.28 21.77 23.07
N LEU A 202 -7.60 22.01 23.14
CA LEU A 202 -8.53 21.58 22.09
C LEU A 202 -8.15 22.08 20.70
N ALA A 203 -7.74 23.35 20.61
CA ALA A 203 -7.28 23.94 19.36
C ALA A 203 -5.93 23.39 18.92
N LYS A 204 -5.21 22.77 19.85
CA LYS A 204 -3.88 22.24 19.59
C LYS A 204 -3.89 20.73 19.32
N LEU A 205 -5.07 20.11 19.38
CA LEU A 205 -5.23 18.69 19.06
C LEU A 205 -4.94 18.43 17.58
N PRO A 206 -4.29 17.29 17.27
CA PRO A 206 -3.94 16.98 15.88
C PRO A 206 -5.18 16.96 14.99
N PRO A 207 -5.06 17.43 13.73
CA PRO A 207 -6.17 17.31 12.80
C PRO A 207 -6.49 15.83 12.56
N LYS A 208 -7.77 15.48 12.59
CA LYS A 208 -8.21 14.08 12.48
C LYS A 208 -7.62 13.33 11.28
N GLY A 209 -7.31 14.06 10.21
CA GLY A 209 -6.70 13.47 9.02
C GLY A 209 -5.24 13.05 9.19
N LYS A 210 -4.61 13.49 10.28
CA LYS A 210 -3.23 13.10 10.56
C LYS A 210 -3.15 11.66 11.08
N LEU A 211 -4.09 11.29 11.95
CA LEU A 211 -4.17 9.93 12.45
C LEU A 211 -4.51 8.92 11.36
N ARG A 212 -5.41 9.29 10.45
CA ARG A 212 -5.75 8.46 9.29
C ARG A 212 -4.55 8.25 8.38
N SER A 213 -3.79 9.33 8.19
CA SER A 213 -2.61 9.31 7.32
C SER A 213 -1.53 8.36 7.84
N LEU A 214 -1.33 8.37 9.16
CA LEU A 214 -0.37 7.47 9.81
C LEU A 214 -0.78 6.01 9.65
N CYS A 215 -2.09 5.76 9.76
CA CYS A 215 -2.64 4.42 9.62
C CYS A 215 -2.61 3.94 8.18
N SER A 216 -2.92 4.83 7.24
CA SER A 216 -2.77 4.54 5.82
C SER A 216 -1.32 4.19 5.50
N GLN A 217 -0.40 4.95 6.09
CA GLN A 217 1.03 4.77 5.86
C GLN A 217 1.52 3.41 6.38
N HIS A 218 0.96 2.99 7.51
CA HIS A 218 1.25 1.68 8.09
C HIS A 218 0.77 0.53 7.20
N VAL A 219 -0.47 0.62 6.71
CA VAL A 219 -1.04 -0.39 5.81
C VAL A 219 -0.18 -0.56 4.55
N GLU A 220 0.25 0.56 3.97
CA GLU A 220 1.11 0.58 2.78
C GLU A 220 2.48 -0.04 3.00
N ARG A 221 3.09 0.24 4.15
CA ARG A 221 4.40 -0.34 4.47
C ARG A 221 4.29 -1.83 4.76
N LEU A 222 3.13 -2.28 5.24
CA LEU A 222 2.88 -3.71 5.38
C LEU A 222 2.75 -4.36 4.01
N GLN A 223 2.05 -3.69 3.09
CA GLN A 223 1.92 -4.19 1.72
C GLN A 223 3.28 -4.43 1.08
N ILE A 224 4.18 -3.46 1.22
CA ILE A 224 5.55 -3.56 0.72
C ILE A 224 6.28 -4.75 1.36
N PHE A 225 6.12 -4.91 2.68
CA PHE A 225 6.77 -6.03 3.38
C PHE A 225 6.11 -7.39 3.06
N GLN A 226 4.78 -7.45 3.13
CA GLN A 226 4.06 -8.70 2.87
C GLN A 226 4.27 -9.23 1.44
N HIS A 227 4.45 -8.32 0.48
CA HIS A 227 4.72 -8.75 -0.89
C HIS A 227 6.10 -9.36 -1.03
N LEU A 228 7.08 -8.77 -0.35
CA LEU A 228 8.45 -9.29 -0.35
C LEU A 228 8.62 -10.55 0.53
N HIS A 229 7.81 -10.64 1.59
CA HIS A 229 7.90 -11.77 2.54
C HIS A 229 6.52 -12.37 2.88
N PRO A 230 5.84 -13.00 1.90
CA PRO A 230 4.47 -13.47 2.19
C PRO A 230 4.39 -14.62 3.20
N ILE A 231 5.41 -15.48 3.23
CA ILE A 231 5.38 -16.65 4.12
C ILE A 231 5.50 -16.24 5.59
N VAL A 232 6.42 -15.30 5.86
CA VAL A 232 6.65 -14.79 7.21
C VAL A 232 5.37 -14.29 7.88
N VAL A 233 4.60 -13.48 7.16
CA VAL A 233 3.34 -12.91 7.66
C VAL A 233 2.33 -14.03 7.95
N GLN A 234 2.24 -14.97 7.03
CA GLN A 234 1.32 -16.09 7.13
CA GLN A 234 1.31 -16.08 7.13
C GLN A 234 1.72 -17.04 8.26
N ALA A 235 3.02 -17.27 8.42
CA ALA A 235 3.51 -18.23 9.41
C ALA A 235 3.70 -17.68 10.82
N ALA A 236 4.15 -16.42 10.92
CA ALA A 236 4.63 -15.88 12.19
C ALA A 236 3.82 -14.71 12.77
N PHE A 237 3.22 -13.88 11.92
CA PHE A 237 2.52 -12.69 12.37
C PHE A 237 1.27 -13.05 13.16
N PRO A 238 0.97 -12.29 14.24
CA PRO A 238 -0.29 -12.50 14.96
C PRO A 238 -1.47 -12.39 13.98
N PRO A 239 -2.39 -13.38 14.01
CA PRO A 239 -3.52 -13.36 13.10
C PRO A 239 -4.39 -12.10 13.20
N LEU A 240 -4.43 -11.47 14.37
CA LEU A 240 -5.17 -10.22 14.54
C LEU A 240 -4.53 -9.09 13.73
N TYR A 241 -3.21 -9.02 13.77
CA TYR A 241 -2.46 -8.02 13.01
C TYR A 241 -2.73 -8.14 11.51
N LYS A 242 -2.82 -9.38 11.04
CA LYS A 242 -3.10 -9.64 9.63
C LYS A 242 -4.55 -9.26 9.27
N GLU A 243 -5.48 -9.54 10.17
CA GLU A 243 -6.89 -9.19 9.97
C GLU A 243 -7.11 -7.67 9.92
N LEU A 244 -6.40 -6.94 10.77
CA LEU A 244 -6.60 -5.51 10.89
C LEU A 244 -5.91 -4.69 9.80
N PHE A 245 -4.75 -5.15 9.34
CA PHE A 245 -3.88 -4.30 8.52
C PHE A 245 -3.55 -4.81 7.11
N SER A 246 -3.75 -6.09 6.86
CA SER A 246 -3.39 -6.69 5.56
C SER A 246 -4.48 -6.49 4.52
N THR A 247 -4.06 -6.22 3.28
CA THR A 247 -4.97 -6.20 2.13
C THR A 247 -4.78 -7.48 1.33
N TYR B 3 27.86 -45.67 1.12
CA TYR B 3 29.23 -45.69 1.71
C TYR B 3 29.93 -44.36 1.46
N ALA B 4 30.06 -43.56 2.52
CA ALA B 4 30.74 -42.26 2.42
C ALA B 4 32.21 -42.38 2.84
N SER B 5 33.08 -41.71 2.10
CA SER B 5 34.52 -41.73 2.36
C SER B 5 34.86 -40.85 3.56
N LEU B 6 36.10 -40.95 4.04
CA LEU B 6 36.57 -40.08 5.12
C LEU B 6 36.47 -38.60 4.73
N THR B 7 36.74 -38.31 3.46
CA THR B 7 36.66 -36.95 2.92
C THR B 7 35.23 -36.42 2.97
N GLU B 8 34.29 -37.25 2.50
CA GLU B 8 32.87 -36.90 2.53
C GLU B 8 32.35 -36.67 3.94
N ILE B 9 32.82 -37.48 4.90
CA ILE B 9 32.45 -37.37 6.31
C ILE B 9 32.99 -36.07 6.93
N GLU B 10 34.26 -35.78 6.67
CA GLU B 10 34.91 -34.55 7.12
C GLU B 10 34.29 -33.29 6.52
N HIS B 11 33.84 -33.39 5.26
CA HIS B 11 33.14 -32.27 4.60
C HIS B 11 31.75 -32.08 5.18
N LEU B 12 31.14 -33.17 5.64
CA LEU B 12 29.85 -33.15 6.30
C LEU B 12 29.93 -32.49 7.68
N VAL B 13 30.98 -32.81 8.43
CA VAL B 13 31.25 -32.20 9.74
C VAL B 13 31.26 -30.67 9.60
N GLN B 14 32.04 -30.19 8.64
CA GLN B 14 32.15 -28.75 8.37
C GLN B 14 30.85 -28.16 7.85
N SER B 15 30.13 -28.92 7.02
CA SER B 15 28.86 -28.49 6.47
C SER B 15 27.79 -28.29 7.54
N VAL B 16 27.74 -29.20 8.51
CA VAL B 16 26.79 -29.14 9.62
C VAL B 16 27.12 -28.00 10.57
N CYS B 17 28.40 -27.85 10.88
CA CYS B 17 28.88 -26.79 11.77
C CYS B 17 28.62 -25.39 11.22
N LYS B 18 28.72 -25.26 9.90
CA LYS B 18 28.48 -24.00 9.19
C LYS B 18 27.01 -23.60 9.22
N SER B 19 26.13 -24.58 8.96
CA SER B 19 24.68 -24.36 9.02
C SER B 19 24.28 -23.87 10.40
N TYR B 20 24.83 -24.52 11.42
CA TYR B 20 24.56 -24.18 12.81
C TYR B 20 24.99 -22.76 13.19
N ARG B 21 26.20 -22.38 12.81
CA ARG B 21 26.73 -21.04 13.09
C ARG B 21 25.90 -19.94 12.41
N GLU B 22 25.43 -20.23 11.20
CA GLU B 22 24.67 -19.28 10.38
C GLU B 22 23.20 -19.14 10.77
N THR B 23 22.71 -20.08 11.57
CA THR B 23 21.29 -20.10 11.96
C THR B 23 21.10 -19.99 13.48
N CYS B 24 22.13 -19.49 14.16
CA CYS B 24 22.04 -19.20 15.58
C CYS B 24 21.52 -17.79 15.80
N GLN B 25 20.52 -17.66 16.66
CA GLN B 25 19.88 -16.38 16.92
C GLN B 25 20.74 -15.47 17.79
N LEU B 26 21.42 -16.05 18.78
CA LEU B 26 22.25 -15.30 19.71
C LEU B 26 23.71 -15.71 19.60
N ARG B 27 24.60 -14.72 19.50
CA ARG B 27 26.04 -14.97 19.43
C ARG B 27 26.58 -15.38 20.78
N LEU B 28 27.49 -16.36 20.78
CA LEU B 28 28.06 -16.91 22.01
C LEU B 28 28.86 -15.87 22.79
N GLU B 29 29.40 -14.88 22.08
CA GLU B 29 30.15 -13.78 22.71
C GLU B 29 29.24 -12.87 23.55
N ASP B 30 28.10 -12.48 22.97
CA ASP B 30 27.13 -11.64 23.66
C ASP B 30 26.54 -12.32 24.89
N LEU B 31 26.36 -13.63 24.79
CA LEU B 31 25.86 -14.44 25.90
C LEU B 31 26.87 -14.51 27.05
N LEU B 32 28.16 -14.39 26.74
CA LEU B 32 29.22 -14.40 27.75
C LEU B 32 29.50 -13.02 28.34
N ARG B 33 29.23 -11.96 27.58
CA ARG B 33 29.32 -10.58 28.08
C ARG B 33 28.21 -10.29 29.09
N GLN B 34 27.02 -10.82 28.81
CA GLN B 34 25.81 -10.51 29.58
C GLN B 34 25.63 -11.42 30.80
N ARG B 35 26.65 -12.19 31.14
CA ARG B 35 26.58 -13.19 32.21
C ARG B 35 26.18 -12.62 33.57
N SER B 36 26.67 -11.43 33.90
CA SER B 36 26.34 -10.76 35.16
C SER B 36 25.13 -9.83 35.06
N ASN B 37 24.50 -9.82 33.88
CA ASN B 37 23.28 -9.04 33.65
C ASN B 37 22.02 -9.86 33.99
N ILE B 38 21.64 -9.81 35.26
CA ILE B 38 20.57 -10.66 35.81
C ILE B 38 19.35 -9.82 36.22
N PHE B 39 18.16 -10.35 35.96
CA PHE B 39 16.90 -9.71 36.36
C PHE B 39 16.87 -9.52 37.88
N SER B 40 16.57 -8.29 38.30
CA SER B 40 16.38 -7.98 39.72
C SER B 40 15.15 -8.69 40.27
N ARG B 41 15.04 -8.76 41.59
CA ARG B 41 13.88 -9.36 42.24
C ARG B 41 12.60 -8.61 41.85
N GLU B 42 12.67 -7.29 41.78
CA GLU B 42 11.53 -6.47 41.32
C GLU B 42 11.10 -6.84 39.90
N GLU B 43 12.08 -7.01 39.01
CA GLU B 43 11.81 -7.41 37.62
C GLU B 43 11.19 -8.80 37.52
N VAL B 44 11.69 -9.75 38.31
CA VAL B 44 11.11 -11.09 38.37
C VAL B 44 9.65 -11.02 38.84
N THR B 45 9.41 -10.28 39.92
CA THR B 45 8.06 -10.00 40.41
C THR B 45 7.18 -9.39 39.30
N GLY B 46 7.77 -8.49 38.52
CA GLY B 46 7.11 -7.91 37.35
C GLY B 46 6.62 -8.97 36.37
N TYR B 47 7.48 -9.94 36.06
CA TYR B 47 7.11 -11.06 35.19
C TYR B 47 6.10 -11.99 35.84
N GLN B 48 6.26 -12.22 37.14
CA GLN B 48 5.35 -13.09 37.89
C GLN B 48 3.93 -12.51 38.00
N ARG B 49 3.82 -11.19 38.06
CA ARG B 49 2.52 -10.50 38.13
C ARG B 49 1.81 -10.38 36.78
N LYS B 50 2.52 -10.71 35.69
CA LYS B 50 1.93 -10.73 34.35
C LYS B 50 0.76 -11.68 34.28
N SER B 51 -0.18 -11.40 33.38
CA SER B 51 -1.30 -12.31 33.14
C SER B 51 -0.80 -13.57 32.44
N MET B 52 -1.51 -14.68 32.64
CA MET B 52 -1.13 -15.96 32.04
C MET B 52 -1.14 -15.88 30.51
N TRP B 53 -2.14 -15.19 29.96
CA TRP B 53 -2.25 -15.07 28.51
C TRP B 53 -1.10 -14.28 27.90
N GLU B 54 -0.72 -13.18 28.54
CA GLU B 54 0.35 -12.34 28.03
C GLU B 54 1.70 -13.05 28.07
N MET B 55 2.00 -13.68 29.20
CA MET B 55 3.23 -14.45 29.35
C MET B 55 3.33 -15.62 28.35
N TRP B 56 2.25 -16.37 28.19
CA TRP B 56 2.20 -17.47 27.20
C TRP B 56 2.40 -16.91 25.81
N GLU B 57 1.82 -15.74 25.56
CA GLU B 57 1.87 -15.09 24.27
C GLU B 57 3.29 -14.64 23.91
N ARG B 58 3.97 -14.00 24.88
CA ARG B 58 5.38 -13.63 24.71
C ARG B 58 6.24 -14.86 24.43
N CYS B 59 6.13 -15.86 25.29
CA CYS B 59 6.93 -17.07 25.16
C CYS B 59 6.68 -17.80 23.85
N ALA B 60 5.41 -17.90 23.45
CA ALA B 60 5.06 -18.49 22.15
C ALA B 60 5.70 -17.74 20.98
N HIS B 61 5.78 -16.42 21.08
CA HIS B 61 6.44 -15.62 20.06
C HIS B 61 7.95 -15.88 19.96
N HIS B 62 8.63 -15.84 21.11
CA HIS B 62 10.07 -16.10 21.17
C HIS B 62 10.40 -17.54 20.76
N LEU B 63 9.56 -18.48 21.15
CA LEU B 63 9.75 -19.88 20.81
C LEU B 63 9.59 -20.10 19.31
N THR B 64 8.58 -19.45 18.72
CA THR B 64 8.34 -19.51 17.28
C THR B 64 9.54 -18.95 16.53
N GLU B 65 10.06 -17.82 17.02
CA GLU B 65 11.23 -17.18 16.45
C GLU B 65 12.44 -18.11 16.46
N ALA B 66 12.60 -18.87 17.55
CA ALA B 66 13.66 -19.86 17.68
C ALA B 66 13.44 -21.04 16.72
N ILE B 67 12.18 -21.43 16.56
CA ILE B 67 11.81 -22.51 15.63
C ILE B 67 12.08 -22.13 14.17
N GLN B 68 11.84 -20.85 13.84
CA GLN B 68 12.12 -20.33 12.50
C GLN B 68 13.60 -20.44 12.11
N TYR B 69 14.47 -20.29 13.11
CA TYR B 69 15.92 -20.48 12.89
C TYR B 69 16.25 -21.95 12.70
N VAL B 70 15.52 -22.82 13.38
CA VAL B 70 15.70 -24.27 13.26
C VAL B 70 15.30 -24.75 11.87
N VAL B 71 14.18 -24.26 11.34
CA VAL B 71 13.75 -24.59 9.98
C VAL B 71 14.86 -24.22 8.98
N GLU B 72 15.47 -23.07 9.20
CA GLU B 72 16.56 -22.57 8.37
C GLU B 72 17.81 -23.46 8.50
N PHE B 73 18.09 -23.92 9.72
CA PHE B 73 19.14 -24.91 9.96
C PHE B 73 18.86 -26.19 9.17
N ALA B 74 17.62 -26.67 9.21
CA ALA B 74 17.21 -27.84 8.44
C ALA B 74 17.39 -27.65 6.94
N LYS B 75 17.02 -26.47 6.44
CA LYS B 75 17.11 -26.14 5.01
C LYS B 75 18.55 -26.12 4.50
N ARG B 76 19.48 -25.65 5.33
CA ARG B 76 20.89 -25.57 4.97
C ARG B 76 21.65 -26.85 5.27
N LEU B 77 20.99 -27.78 5.96
CA LEU B 77 21.62 -29.02 6.40
C LEU B 77 21.79 -29.97 5.22
N SER B 78 23.00 -30.50 5.07
CA SER B 78 23.33 -31.40 3.96
C SER B 78 22.51 -32.68 4.03
N GLY B 79 21.75 -32.94 2.96
CA GLY B 79 20.97 -34.16 2.84
C GLY B 79 19.48 -34.00 3.12
N PHE B 80 19.14 -33.02 3.95
CA PHE B 80 17.75 -32.80 4.38
C PHE B 80 16.82 -32.42 3.23
N MET B 81 17.28 -31.56 2.32
CA MET B 81 16.45 -31.10 1.22
C MET B 81 16.35 -32.12 0.07
N GLU B 82 17.14 -33.19 0.18
CA GLU B 82 17.09 -34.30 -0.77
C GLU B 82 15.99 -35.29 -0.40
N LEU B 83 15.58 -35.25 0.87
CA LEU B 83 14.48 -36.08 1.36
C LEU B 83 13.16 -35.54 0.82
N CYS B 84 12.17 -36.43 0.70
CA CYS B 84 10.87 -36.04 0.16
C CYS B 84 10.12 -35.08 1.10
N GLN B 85 9.22 -34.29 0.53
CA GLN B 85 8.45 -33.28 1.25
C GLN B 85 7.85 -33.79 2.56
N ASN B 86 7.14 -34.92 2.49
CA ASN B 86 6.52 -35.55 3.66
C ASN B 86 7.51 -35.78 4.81
N ASP B 87 8.68 -36.30 4.46
CA ASP B 87 9.71 -36.65 5.45
C ASP B 87 10.39 -35.41 6.02
N GLN B 88 10.45 -34.33 5.25
CA GLN B 88 10.92 -33.04 5.75
C GLN B 88 9.98 -32.54 6.84
N ILE B 89 8.67 -32.59 6.56
CA ILE B 89 7.63 -32.12 7.48
C ILE B 89 7.64 -32.92 8.77
N VAL B 90 7.61 -34.25 8.63
CA VAL B 90 7.62 -35.17 9.77
C VAL B 90 8.78 -34.89 10.71
N LEU B 91 9.99 -34.85 10.16
CA LEU B 91 11.19 -34.63 10.95
C LEU B 91 11.14 -33.31 11.72
N LEU B 92 10.77 -32.23 11.02
CA LEU B 92 10.69 -30.91 11.63
C LEU B 92 9.56 -30.78 12.65
N LYS B 93 8.39 -31.35 12.35
CA LYS B 93 7.27 -31.28 13.29
C LYS B 93 7.58 -31.96 14.62
N ALA B 94 8.32 -33.07 14.54
CA ALA B 94 8.72 -33.82 15.72
C ALA B 94 10.02 -33.32 16.35
N GLY B 95 10.88 -32.68 15.56
CA GLY B 95 12.22 -32.32 16.01
C GLY B 95 12.53 -30.86 16.31
N ALA B 96 11.78 -29.94 15.70
CA ALA B 96 12.04 -28.51 15.85
C ALA B 96 12.14 -28.08 17.31
N MET B 97 11.14 -28.47 18.11
CA MET B 97 11.11 -28.13 19.53
C MET B 97 12.29 -28.76 20.28
N GLU B 98 12.57 -30.02 20.00
CA GLU B 98 13.70 -30.73 20.62
C GLU B 98 15.02 -29.99 20.38
N VAL B 99 15.24 -29.54 19.14
CA VAL B 99 16.44 -28.78 18.78
C VAL B 99 16.56 -27.49 19.62
N VAL B 100 15.45 -26.75 19.73
CA VAL B 100 15.40 -25.52 20.53
C VAL B 100 15.79 -25.78 21.99
N LEU B 101 15.29 -26.87 22.55
CA LEU B 101 15.57 -27.22 23.95
C LEU B 101 17.03 -27.64 24.16
N VAL B 102 17.63 -28.26 23.14
CA VAL B 102 19.06 -28.57 23.14
C VAL B 102 19.89 -27.29 22.93
N ARG B 103 19.48 -26.47 21.95
CA ARG B 103 20.13 -25.19 21.69
C ARG B 103 20.12 -24.28 22.91
N MET B 104 19.12 -24.46 23.77
CA MET B 104 18.93 -23.61 24.95
C MET B 104 20.14 -23.59 25.91
N CYS B 105 20.93 -24.67 25.92
CA CYS B 105 22.10 -24.74 26.81
C CYS B 105 23.18 -23.69 26.51
N ARG B 106 23.18 -23.16 25.29
CA ARG B 106 24.04 -22.02 24.95
C ARG B 106 23.66 -20.77 25.73
N ALA B 107 22.37 -20.60 26.00
CA ALA B 107 21.86 -19.41 26.68
C ALA B 107 21.67 -19.67 28.17
N TYR B 108 22.02 -20.88 28.59
CA TYR B 108 21.85 -21.32 29.97
C TYR B 108 23.15 -21.17 30.76
N ASN B 109 23.03 -20.68 31.99
CA ASN B 109 24.17 -20.58 32.90
C ASN B 109 23.96 -21.51 34.08
N ALA B 110 24.81 -22.53 34.19
CA ALA B 110 24.69 -23.56 35.22
C ALA B 110 25.07 -23.08 36.62
N ASP B 111 25.95 -22.09 36.69
CA ASP B 111 26.47 -21.56 37.96
C ASP B 111 25.38 -20.94 38.84
N ASN B 112 24.33 -20.42 38.20
CA ASN B 112 23.19 -19.82 38.92
C ASN B 112 21.81 -20.26 38.40
N ARG B 113 21.81 -21.27 37.53
CA ARG B 113 20.59 -21.86 36.95
C ARG B 113 19.67 -20.83 36.25
N THR B 114 20.28 -20.00 35.38
CA THR B 114 19.54 -18.96 34.67
C THR B 114 19.61 -19.10 33.16
N VAL B 115 18.50 -18.80 32.49
CA VAL B 115 18.47 -18.73 31.02
C VAL B 115 18.37 -17.28 30.56
N PHE B 116 19.00 -16.99 29.41
CA PHE B 116 18.93 -15.66 28.80
C PHE B 116 17.58 -15.46 28.11
N PHE B 117 16.78 -14.55 28.65
CA PHE B 117 15.42 -14.33 28.18
C PHE B 117 15.11 -12.83 28.16
N GLU B 118 14.71 -12.34 26.98
CA GLU B 118 14.35 -10.92 26.79
C GLU B 118 15.38 -9.91 27.31
N GLY B 119 16.65 -10.19 27.07
CA GLY B 119 17.72 -9.23 27.34
C GLY B 119 18.51 -9.41 28.62
N LYS B 120 18.10 -10.36 29.46
CA LYS B 120 18.79 -10.64 30.73
C LYS B 120 18.65 -12.12 31.11
N TYR B 121 19.47 -12.54 32.07
CA TYR B 121 19.40 -13.89 32.62
C TYR B 121 18.38 -13.96 33.75
N GLY B 122 17.53 -14.99 33.71
CA GLY B 122 16.55 -15.21 34.75
C GLY B 122 16.41 -16.68 35.09
N GLY B 123 16.10 -16.97 36.35
CA GLY B 123 15.80 -18.33 36.78
C GLY B 123 14.41 -18.77 36.35
N MET B 124 14.05 -19.98 36.74
CA MET B 124 12.78 -20.59 36.34
C MET B 124 11.54 -19.95 36.99
N GLU B 125 11.73 -19.11 38.00
CA GLU B 125 10.63 -18.44 38.70
C GLU B 125 10.06 -17.31 37.84
N LEU B 126 10.89 -16.80 36.93
CA LEU B 126 10.51 -15.78 35.97
C LEU B 126 9.25 -16.16 35.19
N PHE B 127 9.11 -17.45 34.91
CA PHE B 127 8.04 -17.96 34.06
C PHE B 127 6.84 -18.50 34.85
N ARG B 128 6.73 -18.08 36.12
CA ARG B 128 5.68 -18.56 37.03
C ARG B 128 4.25 -18.32 36.53
N ALA B 129 4.03 -17.21 35.81
CA ALA B 129 2.70 -16.85 35.31
C ALA B 129 2.14 -17.83 34.27
N LEU B 130 3.01 -18.64 33.67
CA LEU B 130 2.60 -19.65 32.70
C LEU B 130 1.69 -20.72 33.32
N GLY B 131 1.92 -21.03 34.59
CA GLY B 131 1.16 -22.05 35.30
C GLY B 131 1.61 -23.46 34.96
N CYS B 132 2.89 -23.61 34.62
CA CYS B 132 3.46 -24.92 34.34
C CYS B 132 4.90 -25.04 34.84
N SER B 133 5.07 -24.86 36.15
CA SER B 133 6.42 -24.84 36.75
C SER B 133 7.09 -26.21 36.71
N GLU B 134 6.28 -27.27 36.76
CA GLU B 134 6.74 -28.64 36.58
C GLU B 134 7.52 -28.78 35.26
N LEU B 135 6.92 -28.31 34.17
CA LEU B 135 7.57 -28.32 32.86
C LEU B 135 8.80 -27.41 32.77
N ILE B 136 8.69 -26.18 33.27
CA ILE B 136 9.78 -25.22 33.22
C ILE B 136 10.99 -25.70 34.03
N SER B 137 10.74 -26.29 35.19
CA SER B 137 11.81 -26.87 36.00
C SER B 137 12.44 -28.09 35.33
N SER B 138 11.62 -28.89 34.62
CA SER B 138 12.11 -30.00 33.80
C SER B 138 12.98 -29.55 32.62
N ILE B 139 12.52 -28.51 31.92
CA ILE B 139 13.29 -27.88 30.85
C ILE B 139 14.64 -27.37 31.38
N PHE B 140 14.60 -26.73 32.55
CA PHE B 140 15.79 -26.20 33.20
C PHE B 140 16.77 -27.31 33.63
N ASP B 141 16.22 -28.41 34.15
CA ASP B 141 17.01 -29.61 34.49
C ASP B 141 17.75 -30.14 33.27
N PHE B 142 17.06 -30.18 32.14
CA PHE B 142 17.61 -30.69 30.89
C PHE B 142 18.85 -29.90 30.48
N SER B 143 18.72 -28.58 30.38
CA SER B 143 19.85 -27.72 30.04
C SER B 143 21.02 -27.90 31.00
N HIS B 144 20.70 -28.08 32.28
CA HIS B 144 21.69 -28.29 33.33
C HIS B 144 22.48 -29.59 33.09
N SER B 145 21.78 -30.64 32.66
CA SER B 145 22.41 -31.93 32.32
C SER B 145 23.34 -31.80 31.13
N LEU B 146 22.92 -31.01 30.13
CA LEU B 146 23.74 -30.74 28.95
C LEU B 146 24.95 -29.88 29.27
N SER B 147 24.78 -28.93 30.18
CA SER B 147 25.85 -28.01 30.57
C SER B 147 26.98 -28.70 31.32
N ALA B 148 26.68 -29.85 31.93
CA ALA B 148 27.67 -30.63 32.66
C ALA B 148 28.69 -31.30 31.72
N LEU B 149 28.33 -31.44 30.46
CA LEU B 149 29.19 -32.06 29.45
C LEU B 149 30.12 -31.06 28.76
N HIS B 150 29.87 -29.77 29.00
CA HIS B 150 30.70 -28.67 28.49
C HIS B 150 30.85 -28.68 26.98
N PHE B 151 29.70 -28.67 26.29
CA PHE B 151 29.63 -28.70 24.82
C PHE B 151 30.40 -27.56 24.16
N SER B 152 31.05 -27.88 23.05
CA SER B 152 31.56 -26.87 22.13
C SER B 152 30.44 -26.56 21.12
N GLU B 153 30.61 -25.48 20.36
CA GLU B 153 29.65 -25.10 19.33
C GLU B 153 29.50 -26.20 18.28
N ASP B 154 30.63 -26.77 17.88
CA ASP B 154 30.66 -27.85 16.90
C ASP B 154 29.90 -29.09 17.38
N GLU B 155 30.00 -29.38 18.68
CA GLU B 155 29.32 -30.54 19.27
C GLU B 155 27.80 -30.37 19.33
N ILE B 156 27.34 -29.17 19.69
CA ILE B 156 25.91 -28.85 19.68
C ILE B 156 25.36 -28.91 18.24
N ALA B 157 26.17 -28.43 17.29
CA ALA B 157 25.84 -28.48 15.87
C ALA B 157 25.53 -29.89 15.41
N LEU B 158 26.47 -30.81 15.66
CA LEU B 158 26.35 -32.19 15.22
C LEU B 158 25.30 -32.97 16.00
N TYR B 159 25.20 -32.66 17.29
CA TYR B 159 24.17 -33.25 18.14
C TYR B 159 22.75 -32.87 17.73
N THR B 160 22.49 -31.57 17.53
CA THR B 160 21.17 -31.10 17.06
C THR B 160 20.77 -31.67 15.70
N ALA B 161 21.75 -31.78 14.80
CA ALA B 161 21.54 -32.45 13.51
C ALA B 161 20.95 -33.85 13.71
N LEU B 162 21.50 -34.58 14.68
CA LEU B 162 21.05 -35.94 14.97
C LEU B 162 19.68 -36.00 15.64
N VAL B 163 19.42 -35.03 16.53
CA VAL B 163 18.09 -34.83 17.10
C VAL B 163 17.03 -34.70 16.00
N LEU B 164 17.32 -33.89 14.99
CA LEU B 164 16.45 -33.69 13.85
C LEU B 164 16.37 -34.94 12.95
N ILE B 165 17.51 -35.40 12.47
CA ILE B 165 17.52 -36.57 11.57
C ILE B 165 17.42 -37.86 12.39
N ASN B 166 16.18 -38.25 12.63
CA ASN B 166 15.83 -39.38 13.48
C ASN B 166 14.95 -40.30 12.66
N ALA B 167 15.51 -41.43 12.23
CA ALA B 167 14.79 -42.34 11.32
C ALA B 167 13.69 -43.14 12.01
N HIS B 168 13.53 -42.94 13.31
CA HIS B 168 12.54 -43.69 14.08
C HIS B 168 11.27 -42.89 14.41
N ARG B 169 11.08 -41.78 13.70
CA ARG B 169 9.87 -40.97 13.83
C ARG B 169 8.74 -41.58 13.01
N PRO B 170 7.56 -41.75 13.63
CA PRO B 170 6.38 -42.29 12.93
C PRO B 170 5.96 -41.42 11.75
N GLY B 171 5.59 -42.06 10.65
CA GLY B 171 5.02 -41.37 9.50
C GLY B 171 5.96 -41.17 8.31
N LEU B 172 7.19 -41.66 8.43
CA LEU B 172 8.20 -41.52 7.38
C LEU B 172 7.92 -42.41 6.17
N GLN B 173 8.07 -41.83 4.98
CA GLN B 173 7.81 -42.52 3.72
C GLN B 173 9.08 -43.18 3.16
N GLU B 174 10.21 -42.47 3.25
CA GLU B 174 11.49 -43.00 2.78
C GLU B 174 12.43 -43.24 3.96
N LYS B 175 12.07 -44.21 4.80
CA LYS B 175 12.81 -44.50 6.03
C LYS B 175 14.28 -44.87 5.78
N ARG B 176 14.53 -45.62 4.71
CA ARG B 176 15.88 -46.09 4.38
C ARG B 176 16.80 -44.93 3.99
N LYS B 177 16.21 -43.92 3.34
CA LYS B 177 16.92 -42.70 2.95
C LYS B 177 17.30 -41.88 4.19
N VAL B 178 16.38 -41.79 5.16
CA VAL B 178 16.63 -41.07 6.42
C VAL B 178 17.65 -41.82 7.28
N GLU B 179 17.61 -43.15 7.23
CA GLU B 179 18.59 -44.00 7.94
C GLU B 179 20.01 -43.70 7.48
N GLN B 180 20.21 -43.65 6.17
CA GLN B 180 21.54 -43.39 5.58
C GLN B 180 22.09 -42.03 6.00
N LEU B 181 21.24 -41.01 5.99
CA LEU B 181 21.63 -39.66 6.44
C LEU B 181 21.94 -39.65 7.93
N GLN B 182 21.11 -40.33 8.72
CA GLN B 182 21.32 -40.45 10.16
C GLN B 182 22.65 -41.11 10.48
N TYR B 183 22.93 -42.23 9.83
CA TYR B 183 24.17 -42.97 10.04
C TYR B 183 25.39 -42.15 9.65
N ASN B 184 25.30 -41.46 8.51
CA ASN B 184 26.38 -40.56 8.07
C ASN B 184 26.61 -39.38 9.01
N LEU B 185 25.52 -38.88 9.62
CA LEU B 185 25.62 -37.82 10.63
C LEU B 185 26.20 -38.32 11.95
N GLU B 186 25.86 -39.55 12.32
CA GLU B 186 26.48 -40.22 13.47
C GLU B 186 27.98 -40.40 13.23
N LEU B 187 28.35 -40.83 12.03
CA LEU B 187 29.76 -40.94 11.63
C LEU B 187 30.51 -39.61 11.74
N ALA B 188 29.85 -38.53 11.32
CA ALA B 188 30.42 -37.17 11.43
C ALA B 188 30.61 -36.79 12.89
N PHE B 189 29.61 -37.11 13.71
CA PHE B 189 29.66 -36.82 15.13
C PHE B 189 30.82 -37.56 15.80
N HIS B 190 30.85 -38.89 15.61
CA HIS B 190 31.90 -39.72 16.22
C HIS B 190 33.30 -39.35 15.77
N HIS B 191 33.47 -39.11 14.46
CA HIS B 191 34.77 -38.70 13.91
C HIS B 191 35.28 -37.40 14.53
N HIS B 192 34.38 -36.43 14.73
CA HIS B 192 34.76 -35.16 15.36
C HIS B 192 35.05 -35.34 16.84
N LEU B 193 34.32 -36.25 17.49
CA LEU B 193 34.52 -36.53 18.92
C LEU B 193 35.85 -37.26 19.17
N SER B 194 36.15 -38.26 18.33
CA SER B 194 37.42 -38.98 18.40
C SER B 194 38.62 -38.09 18.05
N LYS B 195 38.38 -37.16 17.12
CA LYS B 195 39.38 -36.15 16.73
C LYS B 195 39.80 -35.30 17.94
N THR B 196 38.88 -35.13 18.87
CA THR B 196 39.04 -34.20 19.99
C THR B 196 39.18 -34.90 21.34
N HIS B 197 39.19 -36.24 21.31
CA HIS B 197 39.29 -37.09 22.51
C HIS B 197 38.05 -36.93 23.40
N ARG B 198 36.87 -36.95 22.77
CA ARG B 198 35.62 -36.59 23.44
C ARG B 198 34.50 -37.62 23.28
N GLN B 199 34.86 -38.87 23.01
CA GLN B 199 33.87 -39.95 22.89
C GLN B 199 33.18 -40.28 24.21
N SER B 200 33.79 -39.85 25.31
CA SER B 200 33.26 -40.08 26.65
C SER B 200 31.87 -39.48 26.88
N ILE B 201 31.54 -38.41 26.15
CA ILE B 201 30.25 -37.71 26.34
C ILE B 201 29.05 -38.43 25.72
N LEU B 202 29.29 -39.38 24.83
CA LEU B 202 28.21 -40.13 24.15
C LEU B 202 27.35 -40.97 25.09
N ALA B 203 27.99 -41.59 26.08
CA ALA B 203 27.27 -42.35 27.11
C ALA B 203 26.66 -41.42 28.15
N LYS B 204 27.10 -40.16 28.14
CA LYS B 204 26.65 -39.15 29.10
C LYS B 204 25.54 -38.25 28.53
N LEU B 205 25.12 -38.54 27.30
CA LEU B 205 24.01 -37.82 26.67
C LEU B 205 22.69 -38.24 27.30
N PRO B 206 21.69 -37.33 27.34
CA PRO B 206 20.37 -37.67 27.85
C PRO B 206 19.64 -38.68 26.95
N PRO B 207 18.93 -39.65 27.55
CA PRO B 207 18.11 -40.60 26.78
C PRO B 207 16.95 -39.90 26.08
N LYS B 208 16.65 -40.33 24.86
CA LYS B 208 15.59 -39.72 24.02
C LYS B 208 14.26 -39.50 24.73
N GLY B 209 14.04 -40.27 25.80
CA GLY B 209 12.85 -40.15 26.63
C GLY B 209 12.72 -38.80 27.33
N LYS B 210 13.87 -38.17 27.61
CA LYS B 210 13.87 -36.86 28.26
C LYS B 210 13.27 -35.80 27.35
N LEU B 211 13.81 -35.66 26.14
CA LEU B 211 13.31 -34.70 25.16
C LEU B 211 11.84 -34.93 24.82
N ARG B 212 11.48 -36.20 24.62
CA ARG B 212 10.12 -36.58 24.23
C ARG B 212 9.09 -36.29 25.33
N SER B 213 9.52 -36.39 26.57
CA SER B 213 8.65 -36.04 27.70
C SER B 213 8.45 -34.52 27.79
N LEU B 214 9.54 -33.77 27.61
CA LEU B 214 9.47 -32.31 27.61
C LEU B 214 8.51 -31.78 26.54
N CYS B 215 8.55 -32.38 25.35
CA CYS B 215 7.65 -31.99 24.26
C CYS B 215 6.20 -32.36 24.55
N SER B 216 5.98 -33.57 25.05
CA SER B 216 4.66 -34.04 25.44
C SER B 216 4.07 -33.16 26.53
N GLN B 217 4.90 -32.79 27.51
CA GLN B 217 4.48 -31.88 28.57
C GLN B 217 4.06 -30.52 28.02
N HIS B 218 4.81 -30.02 27.05
CA HIS B 218 4.51 -28.76 26.40
C HIS B 218 3.14 -28.78 25.70
N VAL B 219 2.89 -29.84 24.92
CA VAL B 219 1.60 -30.04 24.27
C VAL B 219 0.45 -30.16 25.29
N GLU B 220 0.70 -30.86 26.39
CA GLU B 220 -0.27 -30.98 27.48
C GLU B 220 -0.62 -29.63 28.09
N ARG B 221 0.42 -28.89 28.52
CA ARG B 221 0.24 -27.62 29.20
C ARG B 221 -0.46 -26.60 28.33
N LEU B 222 -0.29 -26.72 27.01
CA LEU B 222 -0.99 -25.87 26.04
C LEU B 222 -2.49 -26.18 25.95
N GLN B 223 -2.86 -27.46 26.07
CA GLN B 223 -4.27 -27.85 26.10
C GLN B 223 -4.97 -27.25 27.30
N ILE B 224 -4.27 -27.24 28.44
CA ILE B 224 -4.78 -26.62 29.67
C ILE B 224 -4.95 -25.12 29.46
N PHE B 225 -3.92 -24.47 28.91
CA PHE B 225 -3.97 -23.03 28.63
C PHE B 225 -5.07 -22.66 27.63
N GLN B 226 -5.25 -23.51 26.61
CA GLN B 226 -6.25 -23.25 25.57
C GLN B 226 -7.68 -23.40 26.11
N HIS B 227 -7.84 -24.24 27.13
CA HIS B 227 -9.10 -24.37 27.84
C HIS B 227 -9.38 -23.12 28.67
N LEU B 228 -8.34 -22.57 29.29
CA LEU B 228 -8.48 -21.36 30.08
C LEU B 228 -8.65 -20.12 29.20
N HIS B 229 -8.04 -20.13 28.01
CA HIS B 229 -8.06 -18.98 27.11
C HIS B 229 -8.17 -19.40 25.65
N PRO B 230 -9.39 -19.75 25.20
CA PRO B 230 -9.63 -20.29 23.85
C PRO B 230 -9.36 -19.31 22.72
N ILE B 231 -9.52 -18.03 23.00
CA ILE B 231 -9.47 -17.00 21.96
C ILE B 231 -8.06 -16.48 21.69
N VAL B 232 -7.29 -16.30 22.75
CA VAL B 232 -5.92 -15.76 22.68
C VAL B 232 -5.05 -16.45 21.61
N VAL B 233 -5.09 -17.79 21.58
CA VAL B 233 -4.31 -18.59 20.63
C VAL B 233 -4.71 -18.35 19.16
N GLN B 234 -6.01 -18.35 18.88
CA GLN B 234 -6.53 -18.04 17.55
C GLN B 234 -6.16 -16.64 17.08
N ALA B 235 -6.18 -15.68 18.00
CA ALA B 235 -6.04 -14.26 17.68
C ALA B 235 -4.61 -13.73 17.71
N ALA B 236 -3.81 -14.16 18.68
CA ALA B 236 -2.55 -13.49 18.99
C ALA B 236 -1.28 -14.35 18.82
N PHE B 237 -1.41 -15.66 18.99
CA PHE B 237 -0.29 -16.58 18.89
C PHE B 237 0.22 -16.71 17.45
N PRO B 238 1.54 -16.95 17.29
CA PRO B 238 2.05 -17.22 15.95
C PRO B 238 1.38 -18.45 15.34
N PRO B 239 0.94 -18.36 14.07
CA PRO B 239 0.25 -19.49 13.44
C PRO B 239 1.09 -20.77 13.36
N LEU B 240 2.40 -20.62 13.15
CA LEU B 240 3.31 -21.76 13.13
C LEU B 240 3.29 -22.51 14.46
N TYR B 241 3.28 -21.76 15.56
CA TYR B 241 3.17 -22.32 16.89
C TYR B 241 1.91 -23.18 17.03
N LYS B 242 0.77 -22.64 16.57
CA LYS B 242 -0.51 -23.35 16.62
C LYS B 242 -0.48 -24.65 15.81
N GLU B 243 0.08 -24.60 14.61
CA GLU B 243 0.20 -25.76 13.75
C GLU B 243 1.01 -26.89 14.41
N LEU B 244 2.14 -26.53 15.01
CA LEU B 244 3.06 -27.51 15.58
C LEU B 244 2.59 -28.11 16.91
N PHE B 245 1.83 -27.35 17.70
CA PHE B 245 1.56 -27.73 19.09
C PHE B 245 0.09 -27.79 19.53
N SER B 246 -0.80 -27.11 18.81
CA SER B 246 -2.20 -26.98 19.25
C SER B 246 -3.00 -28.28 19.15
N TYR C 3 16.16 -22.89 -37.97
CA TYR C 3 17.42 -23.12 -37.21
C TYR C 3 18.31 -21.88 -37.29
N ALA C 4 17.95 -20.84 -36.54
CA ALA C 4 18.62 -19.55 -36.59
C ALA C 4 20.11 -19.65 -36.26
N SER C 5 20.95 -19.10 -37.14
CA SER C 5 22.39 -19.03 -36.94
C SER C 5 22.75 -17.98 -35.88
N LEU C 6 24.01 -17.94 -35.49
CA LEU C 6 24.51 -16.92 -34.55
C LEU C 6 24.25 -15.51 -35.08
N THR C 7 24.44 -15.30 -36.38
CA THR C 7 24.23 -14.02 -37.03
C THR C 7 22.76 -13.59 -36.98
N GLU C 8 21.86 -14.51 -37.33
CA GLU C 8 20.41 -14.25 -37.30
C GLU C 8 19.91 -13.89 -35.90
N ILE C 9 20.41 -14.59 -34.89
CA ILE C 9 20.06 -14.33 -33.49
C ILE C 9 20.58 -12.96 -33.04
N GLU C 10 21.83 -12.66 -33.40
CA GLU C 10 22.42 -11.35 -33.12
C GLU C 10 21.68 -10.21 -33.82
N HIS C 11 21.20 -10.45 -35.04
CA HIS C 11 20.37 -9.48 -35.76
C HIS C 11 19.01 -9.29 -35.07
N LEU C 12 18.46 -10.38 -34.55
CA LEU C 12 17.19 -10.34 -33.81
C LEU C 12 17.32 -9.55 -32.51
N VAL C 13 18.47 -9.67 -31.85
CA VAL C 13 18.80 -8.87 -30.66
C VAL C 13 18.73 -7.38 -31.02
N GLN C 14 19.36 -7.01 -32.13
CA GLN C 14 19.38 -5.62 -32.61
C GLN C 14 17.97 -5.14 -32.96
N SER C 15 17.28 -5.95 -33.77
CA SER C 15 15.94 -5.62 -34.26
C SER C 15 14.96 -5.32 -33.14
N VAL C 16 14.95 -6.18 -32.12
CA VAL C 16 14.08 -6.04 -30.96
C VAL C 16 14.46 -4.82 -30.12
N CYS C 17 15.75 -4.66 -29.84
CA CYS C 17 16.25 -3.49 -29.10
C CYS C 17 15.93 -2.16 -29.80
N LYS C 18 15.97 -2.18 -31.13
CA LYS C 18 15.63 -1.01 -31.97
C LYS C 18 14.15 -0.65 -31.85
N SER C 19 13.28 -1.65 -32.02
CA SER C 19 11.84 -1.45 -31.94
C SER C 19 11.42 -0.89 -30.58
N TYR C 20 12.07 -1.38 -29.53
CA TYR C 20 11.82 -0.91 -28.17
C TYR C 20 12.15 0.57 -27.99
N ARG C 21 13.39 0.94 -28.33
CA ARG C 21 13.84 2.34 -28.23
C ARG C 21 12.92 3.30 -28.98
N GLU C 22 12.44 2.86 -30.15
CA GLU C 22 11.61 3.69 -31.02
C GLU C 22 10.14 3.76 -30.61
N THR C 23 9.73 2.89 -29.69
CA THR C 23 8.34 2.86 -29.23
C THR C 23 8.23 3.14 -27.73
N CYS C 24 9.25 3.77 -27.17
CA CYS C 24 9.22 4.24 -25.80
C CYS C 24 8.61 5.63 -25.72
N GLN C 25 7.67 5.80 -24.79
CA GLN C 25 6.95 7.06 -24.61
C GLN C 25 7.82 8.10 -23.91
N LEU C 26 8.61 7.64 -22.93
CA LEU C 26 9.44 8.52 -22.12
C LEU C 26 10.90 8.40 -22.51
N ARG C 27 11.61 9.52 -22.51
CA ARG C 27 13.04 9.53 -22.80
C ARG C 27 13.82 9.28 -21.53
N LEU C 28 14.93 8.57 -21.66
CA LEU C 28 15.77 8.21 -20.52
C LEU C 28 16.41 9.43 -19.87
N GLU C 29 16.79 10.40 -20.70
CA GLU C 29 17.37 11.67 -20.24
C GLU C 29 16.41 12.47 -19.35
N ASP C 30 15.15 12.53 -19.76
CA ASP C 30 14.10 13.22 -18.99
C ASP C 30 13.84 12.52 -17.66
N LEU C 31 13.75 11.18 -17.69
CA LEU C 31 13.57 10.39 -16.48
C LEU C 31 14.71 10.58 -15.48
N LEU C 32 15.93 10.76 -16.00
CA LEU C 32 17.10 11.08 -15.19
C LEU C 32 17.02 12.46 -14.54
N ARG C 33 16.69 13.47 -15.35
CA ARG C 33 16.67 14.87 -14.90
C ARG C 33 15.50 15.21 -13.97
N GLN C 34 14.38 14.49 -14.11
CA GLN C 34 13.18 14.74 -13.31
C GLN C 34 13.14 13.94 -12.01
N ARG C 35 14.26 13.29 -11.65
CA ARG C 35 14.30 12.39 -10.49
C ARG C 35 13.93 13.04 -9.14
N SER C 36 14.25 14.32 -8.98
CA SER C 36 13.91 15.07 -7.77
C SER C 36 12.60 15.85 -7.93
N ASN C 37 12.05 15.83 -9.14
CA ASN C 37 10.75 16.43 -9.42
C ASN C 37 9.62 15.52 -8.92
N ILE C 38 9.49 15.44 -7.60
CA ILE C 38 8.56 14.54 -6.94
C ILE C 38 7.28 15.27 -6.53
N PHE C 39 6.13 14.58 -6.64
CA PHE C 39 4.84 15.14 -6.21
C PHE C 39 4.89 15.63 -4.76
N SER C 40 4.49 16.88 -4.57
CA SER C 40 4.50 17.53 -3.26
C SER C 40 3.43 16.97 -2.33
N ARG C 41 3.54 17.31 -1.04
CA ARG C 41 2.57 16.92 -0.02
C ARG C 41 1.13 17.32 -0.40
N GLU C 42 0.93 18.55 -0.88
CA GLU C 42 -0.40 19.02 -1.27
C GLU C 42 -0.93 18.36 -2.53
N GLU C 43 -0.05 18.12 -3.50
CA GLU C 43 -0.41 17.45 -4.75
C GLU C 43 -0.91 16.02 -4.52
N VAL C 44 -0.16 15.27 -3.71
CA VAL C 44 -0.52 13.90 -3.32
C VAL C 44 -1.89 13.90 -2.63
N THR C 45 -2.09 14.84 -1.70
CA THR C 45 -3.38 15.04 -1.04
C THR C 45 -4.47 15.29 -2.08
N GLY C 46 -4.17 16.14 -3.05
CA GLY C 46 -5.07 16.44 -4.18
C GLY C 46 -5.47 15.20 -4.98
N TYR C 47 -4.51 14.33 -5.28
CA TYR C 47 -4.80 13.07 -5.96
C TYR C 47 -5.68 12.14 -5.14
N GLN C 48 -5.40 12.07 -3.84
CA GLN C 48 -6.13 11.19 -2.93
C GLN C 48 -7.56 11.66 -2.67
N ARG C 49 -7.82 12.94 -2.95
CA ARG C 49 -9.14 13.54 -2.76
C ARG C 49 -10.07 13.34 -3.96
N LYS C 50 -9.48 13.12 -5.13
CA LYS C 50 -10.24 12.88 -6.36
C LYS C 50 -11.31 11.80 -6.17
N SER C 51 -12.43 11.96 -6.87
CA SER C 51 -13.46 10.92 -6.93
C SER C 51 -12.89 9.68 -7.59
N MET C 52 -13.45 8.52 -7.24
CA MET C 52 -13.04 7.25 -7.83
C MET C 52 -13.12 7.26 -9.36
N TRP C 53 -14.22 7.77 -9.92
CA TRP C 53 -14.42 7.77 -11.37
C TRP C 53 -13.38 8.60 -12.11
N GLU C 54 -13.00 9.73 -11.52
CA GLU C 54 -12.05 10.65 -12.13
C GLU C 54 -10.66 10.05 -12.18
N MET C 55 -10.21 9.47 -11.07
CA MET C 55 -8.89 8.83 -11.01
C MET C 55 -8.79 7.60 -11.92
N TRP C 56 -9.79 6.72 -11.89
CA TRP C 56 -9.87 5.59 -12.84
C TRP C 56 -9.81 6.08 -14.29
N GLU C 57 -10.63 7.08 -14.60
CA GLU C 57 -10.68 7.70 -15.91
C GLU C 57 -9.29 8.15 -16.34
N ARG C 58 -8.61 8.87 -15.46
CA ARG C 58 -7.29 9.38 -15.73
C ARG C 58 -6.24 8.28 -15.93
N CYS C 59 -6.24 7.29 -15.04
CA CYS C 59 -5.33 6.15 -15.14
C CYS C 59 -5.58 5.31 -16.41
N ALA C 60 -6.85 5.05 -16.72
CA ALA C 60 -7.23 4.28 -17.91
C ALA C 60 -6.80 4.96 -19.20
N HIS C 61 -6.85 6.30 -19.23
CA HIS C 61 -6.36 7.03 -20.38
C HIS C 61 -4.85 6.90 -20.59
N HIS C 62 -4.07 7.16 -19.53
CA HIS C 62 -2.62 7.01 -19.60
C HIS C 62 -2.19 5.59 -19.94
N LEU C 63 -2.95 4.61 -19.46
CA LEU C 63 -2.68 3.19 -19.75
C LEU C 63 -2.94 2.87 -21.22
N THR C 64 -4.05 3.37 -21.76
CA THR C 64 -4.38 3.22 -23.17
C THR C 64 -3.28 3.82 -24.06
N GLU C 65 -2.79 4.99 -23.66
CA GLU C 65 -1.70 5.66 -24.34
C GLU C 65 -0.45 4.76 -24.39
N ALA C 66 -0.09 4.18 -23.24
CA ALA C 66 1.06 3.26 -23.15
C ALA C 66 0.85 1.98 -23.97
N ILE C 67 -0.40 1.49 -23.98
CA ILE C 67 -0.78 0.32 -24.77
C ILE C 67 -0.67 0.59 -26.27
N GLN C 68 -1.02 1.80 -26.69
CA GLN C 68 -0.87 2.22 -28.09
C GLN C 68 0.59 2.17 -28.56
N TYR C 69 1.51 2.49 -27.65
CA TYR C 69 2.93 2.41 -27.92
C TYR C 69 3.41 0.95 -28.00
N VAL C 70 2.83 0.10 -27.16
CA VAL C 70 3.10 -1.34 -27.19
C VAL C 70 2.66 -1.93 -28.54
N VAL C 71 1.46 -1.57 -28.98
CA VAL C 71 0.94 -1.98 -30.28
C VAL C 71 1.92 -1.63 -31.39
N GLU C 72 2.52 -0.44 -31.28
CA GLU C 72 3.54 0.02 -32.22
C GLU C 72 4.78 -0.88 -32.18
N PHE C 73 5.25 -1.19 -30.98
CA PHE C 73 6.35 -2.12 -30.73
C PHE C 73 6.11 -3.46 -31.42
N ALA C 74 4.89 -3.96 -31.32
CA ALA C 74 4.48 -5.21 -31.96
C ALA C 74 4.59 -5.15 -33.49
N LYS C 75 4.09 -4.06 -34.07
CA LYS C 75 4.14 -3.84 -35.51
C LYS C 75 5.58 -3.84 -36.03
N ARG C 76 6.46 -3.20 -35.28
CA ARG C 76 7.87 -3.08 -35.65
C ARG C 76 8.67 -4.32 -35.28
N LEU C 77 8.04 -5.26 -34.57
CA LEU C 77 8.72 -6.46 -34.10
C LEU C 77 8.94 -7.47 -35.22
N SER C 78 10.19 -7.92 -35.33
CA SER C 78 10.59 -8.87 -36.36
C SER C 78 9.86 -10.21 -36.18
N GLY C 79 9.07 -10.58 -37.18
CA GLY C 79 8.35 -11.84 -37.16
C GLY C 79 6.89 -11.73 -36.77
N PHE C 80 6.54 -10.68 -36.02
CA PHE C 80 5.18 -10.50 -35.52
C PHE C 80 4.14 -10.31 -36.63
N MET C 81 4.49 -9.50 -37.63
CA MET C 81 3.55 -9.20 -38.73
C MET C 81 3.49 -10.35 -39.73
N GLU C 82 4.52 -11.20 -39.72
CA GLU C 82 4.54 -12.43 -40.52
C GLU C 82 3.50 -13.44 -40.03
N LEU C 83 3.07 -13.30 -38.78
CA LEU C 83 1.99 -14.12 -38.22
C LEU C 83 0.64 -13.68 -38.78
N CYS C 84 -0.34 -14.59 -38.77
CA CYS C 84 -1.67 -14.30 -39.27
C CYS C 84 -2.41 -13.30 -38.37
N GLN C 85 -3.46 -12.69 -38.94
CA GLN C 85 -4.19 -11.62 -38.27
C GLN C 85 -4.82 -12.03 -36.94
N ASN C 86 -5.37 -13.25 -36.90
CA ASN C 86 -5.95 -13.80 -35.67
C ASN C 86 -4.93 -13.87 -34.52
N ASP C 87 -3.76 -14.45 -34.81
CA ASP C 87 -2.72 -14.63 -33.80
C ASP C 87 -2.16 -13.33 -33.24
N GLN C 88 -1.99 -12.35 -34.12
CA GLN C 88 -1.57 -11.00 -33.72
C GLN C 88 -2.49 -10.44 -32.64
N ILE C 89 -3.80 -10.49 -32.92
CA ILE C 89 -4.84 -10.01 -32.00
C ILE C 89 -4.77 -10.72 -30.66
N VAL C 90 -4.77 -12.05 -30.70
CA VAL C 90 -4.69 -12.89 -29.50
C VAL C 90 -3.49 -12.48 -28.65
N LEU C 91 -2.31 -12.41 -29.27
CA LEU C 91 -1.08 -12.06 -28.56
C LEU C 91 -1.15 -10.69 -27.89
N LEU C 92 -1.61 -9.68 -28.63
CA LEU C 92 -1.74 -8.33 -28.09
C LEU C 92 -2.82 -8.20 -27.02
N LYS C 93 -4.00 -8.76 -27.26
CA LYS C 93 -5.11 -8.70 -26.30
C LYS C 93 -4.72 -9.28 -24.94
N ALA C 94 -3.95 -10.38 -24.96
CA ALA C 94 -3.50 -11.03 -23.73
C ALA C 94 -2.19 -10.46 -23.18
N GLY C 95 -1.36 -9.87 -24.05
CA GLY C 95 -0.02 -9.45 -23.67
C GLY C 95 0.24 -7.96 -23.49
N ALA C 96 -0.59 -7.12 -24.10
CA ALA C 96 -0.42 -5.66 -24.06
C ALA C 96 -0.22 -5.12 -22.64
N MET C 97 -1.14 -5.46 -21.75
CA MET C 97 -1.05 -5.02 -20.35
C MET C 97 0.19 -5.59 -19.66
N GLU C 98 0.50 -6.86 -19.94
CA GLU C 98 1.68 -7.52 -19.37
C GLU C 98 2.96 -6.79 -19.74
N VAL C 99 3.06 -6.34 -20.98
CA VAL C 99 4.21 -5.59 -21.48
C VAL C 99 4.36 -4.23 -20.78
N VAL C 100 3.25 -3.52 -20.61
CA VAL C 100 3.25 -2.22 -19.93
C VAL C 100 3.78 -2.32 -18.50
N LEU C 101 3.34 -3.36 -17.79
CA LEU C 101 3.75 -3.59 -16.41
C LEU C 101 5.26 -3.84 -16.30
N VAL C 102 5.84 -4.52 -17.29
CA VAL C 102 7.28 -4.73 -17.35
C VAL C 102 7.99 -3.43 -17.75
N ARG C 103 7.43 -2.72 -18.73
CA ARG C 103 7.95 -1.42 -19.18
C ARG C 103 8.10 -0.39 -18.04
N MET C 104 7.30 -0.57 -17.00
CA MET C 104 7.20 0.37 -15.88
C MET C 104 8.53 0.65 -15.15
N CYS C 105 9.43 -0.32 -15.11
CA CYS C 105 10.68 -0.16 -14.36
C CYS C 105 11.63 0.89 -14.96
N ARG C 106 11.45 1.20 -16.25
CA ARG C 106 12.14 2.33 -16.88
C ARG C 106 11.69 3.66 -16.26
N ALA C 107 10.40 3.75 -15.94
CA ALA C 107 9.82 4.94 -15.34
C ALA C 107 9.80 4.87 -13.82
N TYR C 108 10.45 3.86 -13.26
CA TYR C 108 10.38 3.58 -11.82
C TYR C 108 11.72 3.82 -11.12
N ASN C 109 11.67 4.58 -10.02
CA ASN C 109 12.84 4.85 -9.19
C ASN C 109 12.82 3.97 -7.93
N ALA C 110 13.76 3.03 -7.87
CA ALA C 110 13.84 2.07 -6.77
C ALA C 110 14.17 2.72 -5.41
N ASP C 111 14.89 3.83 -5.45
CA ASP C 111 15.41 4.49 -4.25
C ASP C 111 14.32 5.06 -3.34
N ASN C 112 13.26 5.58 -3.96
CA ASN C 112 12.16 6.17 -3.21
C ASN C 112 10.80 5.53 -3.53
N ARG C 113 10.83 4.47 -4.35
CA ARG C 113 9.63 3.72 -4.75
C ARG C 113 8.59 4.58 -5.48
N THR C 114 9.04 5.32 -6.48
CA THR C 114 8.14 6.19 -7.25
C THR C 114 8.13 5.85 -8.74
N VAL C 115 6.98 6.08 -9.37
CA VAL C 115 6.84 5.96 -10.81
C VAL C 115 6.61 7.35 -11.41
N PHE C 116 7.11 7.56 -12.62
CA PHE C 116 6.92 8.82 -13.33
C PHE C 116 5.51 8.89 -13.91
N PHE C 117 4.68 9.71 -13.28
CA PHE C 117 3.26 9.82 -13.62
C PHE C 117 2.88 11.28 -13.84
N GLU C 118 2.44 11.59 -15.06
CA GLU C 118 1.99 12.94 -15.43
C GLU C 118 3.02 14.02 -15.08
N GLY C 119 4.25 13.86 -15.61
CA GLY C 119 5.30 14.87 -15.46
C GLY C 119 6.08 14.87 -14.15
N LYS C 120 5.61 14.10 -13.16
CA LYS C 120 6.30 14.01 -11.86
C LYS C 120 6.39 12.57 -11.35
N TYR C 121 7.32 12.33 -10.43
CA TYR C 121 7.45 11.03 -9.76
C TYR C 121 6.53 10.96 -8.54
N GLY C 122 5.78 9.87 -8.44
CA GLY C 122 4.91 9.64 -7.30
C GLY C 122 4.93 8.22 -6.76
N GLY C 123 4.79 8.08 -5.44
CA GLY C 123 4.68 6.78 -4.80
C GLY C 123 3.32 6.15 -5.04
N MET C 124 3.09 4.97 -4.50
CA MET C 124 1.82 4.25 -4.74
C MET C 124 0.61 4.88 -4.05
N GLU C 125 0.86 5.71 -3.04
CA GLU C 125 -0.22 6.41 -2.32
C GLU C 125 -1.01 7.40 -3.18
N LEU C 126 -0.41 7.87 -4.28
CA LEU C 126 -1.09 8.70 -5.28
C LEU C 126 -2.36 8.06 -5.80
N PHE C 127 -2.39 6.73 -5.77
CA PHE C 127 -3.41 5.97 -6.46
C PHE C 127 -4.51 5.43 -5.55
N ARG C 128 -4.60 5.97 -4.33
CA ARG C 128 -5.62 5.56 -3.35
C ARG C 128 -7.05 5.68 -3.85
N ALA C 129 -7.35 6.77 -4.55
CA ALA C 129 -8.71 7.06 -5.01
C ALA C 129 -9.28 5.97 -5.91
N LEU C 130 -8.38 5.20 -6.53
CA LEU C 130 -8.77 4.05 -7.34
C LEU C 130 -9.60 3.02 -6.56
N GLY C 131 -9.30 2.90 -5.28
CA GLY C 131 -9.97 1.95 -4.41
C GLY C 131 -9.54 0.52 -4.66
N CYS C 132 -8.33 0.33 -5.18
CA CYS C 132 -7.76 -0.99 -5.42
C CYS C 132 -6.26 -1.02 -5.07
N SER C 133 -5.99 -0.92 -3.77
CA SER C 133 -4.64 -0.73 -3.28
C SER C 133 -3.82 -2.02 -3.26
N GLU C 134 -4.48 -3.17 -3.21
CA GLU C 134 -3.77 -4.44 -3.34
C GLU C 134 -3.16 -4.56 -4.73
N LEU C 135 -3.94 -4.19 -5.74
CA LEU C 135 -3.49 -4.21 -7.13
C LEU C 135 -2.35 -3.24 -7.39
N ILE C 136 -2.49 -2.00 -6.91
CA ILE C 136 -1.46 -0.99 -7.09
C ILE C 136 -0.16 -1.36 -6.35
N SER C 137 -0.29 -1.89 -5.13
CA SER C 137 0.89 -2.28 -4.34
C SER C 137 1.60 -3.47 -4.98
N SER C 138 0.83 -4.44 -5.47
CA SER C 138 1.38 -5.59 -6.20
C SER C 138 2.11 -5.15 -7.46
N ILE C 139 1.56 -4.18 -8.18
CA ILE C 139 2.18 -3.66 -9.40
C ILE C 139 3.52 -2.99 -9.06
N PHE C 140 3.51 -2.16 -8.02
CA PHE C 140 4.72 -1.50 -7.53
C PHE C 140 5.77 -2.50 -7.05
N ASP C 141 5.33 -3.59 -6.43
CA ASP C 141 6.24 -4.65 -6.00
C ASP C 141 6.86 -5.37 -7.20
N PHE C 142 6.05 -5.65 -8.21
CA PHE C 142 6.54 -6.28 -9.43
C PHE C 142 7.59 -5.41 -10.11
N SER C 143 7.31 -4.11 -10.19
CA SER C 143 8.25 -3.14 -10.78
C SER C 143 9.52 -3.02 -9.94
N HIS C 144 9.38 -3.14 -8.62
CA HIS C 144 10.52 -3.09 -7.70
C HIS C 144 11.41 -4.34 -7.82
N SER C 145 10.82 -5.48 -8.16
CA SER C 145 11.56 -6.71 -8.38
C SER C 145 12.52 -6.58 -9.55
N LEU C 146 12.01 -6.06 -10.67
CA LEU C 146 12.79 -5.92 -11.89
C LEU C 146 13.94 -4.93 -11.74
N SER C 147 13.66 -3.77 -11.14
CA SER C 147 14.68 -2.73 -10.97
C SER C 147 15.78 -3.10 -9.97
N ALA C 148 15.50 -4.12 -9.14
CA ALA C 148 16.51 -4.67 -8.23
C ALA C 148 17.60 -5.42 -8.97
N LEU C 149 17.25 -5.98 -10.12
CA LEU C 149 18.19 -6.68 -10.99
C LEU C 149 18.95 -5.69 -11.88
N HIS C 150 18.65 -4.40 -11.74
CA HIS C 150 19.18 -3.36 -12.62
C HIS C 150 18.92 -3.70 -14.09
N PHE C 151 17.64 -3.79 -14.43
CA PHE C 151 17.18 -4.16 -15.77
C PHE C 151 17.50 -3.04 -16.76
N SER C 152 18.37 -3.34 -17.73
CA SER C 152 18.82 -2.34 -18.71
C SER C 152 17.88 -2.27 -19.93
N GLU C 153 18.00 -1.16 -20.67
CA GLU C 153 17.23 -0.91 -21.90
C GLU C 153 17.08 -2.16 -22.78
N ASP C 154 18.22 -2.72 -23.20
CA ASP C 154 18.26 -3.90 -24.05
C ASP C 154 17.58 -5.12 -23.42
N GLU C 155 17.70 -5.24 -22.09
CA GLU C 155 17.14 -6.38 -21.36
C GLU C 155 15.62 -6.30 -21.18
N ILE C 156 15.10 -5.09 -20.96
CA ILE C 156 13.65 -4.85 -20.93
C ILE C 156 13.05 -5.18 -22.30
N ALA C 157 13.78 -4.81 -23.35
CA ALA C 157 13.35 -5.00 -24.74
C ALA C 157 13.10 -6.47 -25.07
N LEU C 158 14.06 -7.32 -24.74
CA LEU C 158 13.99 -8.74 -25.08
C LEU C 158 12.99 -9.49 -24.19
N TYR C 159 12.88 -9.04 -22.94
CA TYR C 159 11.93 -9.62 -21.99
C TYR C 159 10.49 -9.31 -22.38
N THR C 160 10.23 -8.07 -22.81
CA THR C 160 8.90 -7.68 -23.27
C THR C 160 8.53 -8.38 -24.59
N ALA C 161 9.51 -8.55 -25.47
CA ALA C 161 9.32 -9.32 -26.69
C ALA C 161 8.89 -10.75 -26.38
N LEU C 162 9.48 -11.33 -25.33
CA LEU C 162 9.16 -12.68 -24.90
C LEU C 162 7.78 -12.75 -24.25
N VAL C 163 7.45 -11.76 -23.43
CA VAL C 163 6.15 -11.69 -22.77
C VAL C 163 5.04 -11.63 -23.81
N LEU C 164 5.25 -10.82 -24.86
CA LEU C 164 4.32 -10.71 -25.96
C LEU C 164 4.21 -11.98 -26.81
N ILE C 165 5.35 -12.48 -27.29
CA ILE C 165 5.36 -13.68 -28.11
C ILE C 165 5.31 -14.91 -27.21
N ASN C 166 4.08 -15.25 -26.81
CA ASN C 166 3.81 -16.37 -25.91
C ASN C 166 2.97 -17.40 -26.66
N ALA C 167 3.56 -18.57 -26.90
CA ALA C 167 2.91 -19.61 -27.69
C ALA C 167 1.83 -20.40 -26.94
N HIS C 168 1.68 -20.12 -25.64
CA HIS C 168 0.70 -20.81 -24.81
C HIS C 168 -0.69 -20.15 -24.77
N ARG C 169 -0.78 -18.92 -25.30
CA ARG C 169 -2.05 -18.17 -25.31
C ARG C 169 -3.15 -18.98 -26.02
N PRO C 170 -4.30 -19.18 -25.34
CA PRO C 170 -5.43 -19.89 -25.95
C PRO C 170 -5.95 -19.17 -27.18
N GLY C 171 -6.35 -19.93 -28.19
CA GLY C 171 -6.97 -19.38 -29.40
C GLY C 171 -5.99 -19.10 -30.52
N LEU C 172 -4.77 -19.64 -30.42
CA LEU C 172 -3.76 -19.48 -31.46
C LEU C 172 -4.03 -20.39 -32.66
N GLN C 173 -3.93 -19.81 -33.86
CA GLN C 173 -4.28 -20.50 -35.09
C GLN C 173 -3.07 -21.13 -35.78
N GLU C 174 -1.90 -20.53 -35.56
CA GLU C 174 -0.65 -21.06 -36.10
C GLU C 174 0.36 -21.20 -34.97
N LYS C 175 0.08 -22.12 -34.05
CA LYS C 175 0.89 -22.29 -32.84
C LYS C 175 2.36 -22.60 -33.09
N ARG C 176 2.64 -23.46 -34.08
CA ARG C 176 4.02 -23.86 -34.41
C ARG C 176 4.87 -22.63 -34.78
N LYS C 177 4.25 -21.68 -35.47
CA LYS C 177 4.91 -20.46 -35.93
C LYS C 177 5.28 -19.54 -34.76
N VAL C 178 4.39 -19.45 -33.77
CA VAL C 178 4.65 -18.67 -32.56
C VAL C 178 5.71 -19.35 -31.70
N GLU C 179 5.65 -20.67 -31.62
CA GLU C 179 6.66 -21.47 -30.92
C GLU C 179 8.06 -21.21 -31.47
N GLN C 180 8.15 -21.13 -32.80
CA GLN C 180 9.43 -20.86 -33.47
C GLN C 180 9.96 -19.46 -33.16
N LEU C 181 9.08 -18.46 -33.20
CA LEU C 181 9.46 -17.09 -32.92
C LEU C 181 9.84 -16.91 -31.45
N GLN C 182 9.08 -17.55 -30.57
CA GLN C 182 9.35 -17.56 -29.13
C GLN C 182 10.75 -18.08 -28.83
N TYR C 183 11.09 -19.22 -29.44
CA TYR C 183 12.37 -19.87 -29.18
C TYR C 183 13.58 -19.05 -29.64
N ASN C 184 13.49 -18.47 -30.83
CA ASN C 184 14.53 -17.55 -31.31
C ASN C 184 14.73 -16.39 -30.36
N LEU C 185 13.63 -15.87 -29.84
CA LEU C 185 13.68 -14.77 -28.88
C LEU C 185 14.31 -15.18 -27.55
N GLU C 186 14.04 -16.41 -27.11
CA GLU C 186 14.67 -16.98 -25.92
C GLU C 186 16.18 -17.12 -26.12
N LEU C 187 16.60 -17.51 -27.32
CA LEU C 187 18.00 -17.57 -27.69
C LEU C 187 18.63 -16.18 -27.72
N ALA C 188 17.92 -15.22 -28.31
CA ALA C 188 18.36 -13.83 -28.33
C ALA C 188 18.58 -13.32 -26.91
N PHE C 189 17.68 -13.71 -26.01
CA PHE C 189 17.74 -13.30 -24.61
C PHE C 189 18.95 -13.94 -23.90
N HIS C 190 19.09 -15.26 -24.03
CA HIS C 190 20.22 -15.98 -23.43
C HIS C 190 21.57 -15.47 -23.93
N HIS C 191 21.67 -15.29 -25.25
CA HIS C 191 22.91 -14.85 -25.88
C HIS C 191 23.36 -13.47 -25.41
N HIS C 192 22.40 -12.55 -25.27
CA HIS C 192 22.69 -11.20 -24.79
C HIS C 192 23.10 -11.20 -23.32
N LEU C 193 22.52 -12.11 -22.54
CA LEU C 193 22.82 -12.20 -21.12
C LEU C 193 24.25 -12.71 -20.82
N SER C 194 24.80 -13.54 -21.71
CA SER C 194 26.16 -14.02 -21.55
C SER C 194 27.19 -12.95 -21.96
N LYS C 195 26.87 -12.21 -23.02
CA LYS C 195 27.68 -11.09 -23.49
C LYS C 195 27.93 -10.05 -22.39
N THR C 196 26.90 -9.79 -21.59
CA THR C 196 26.98 -8.83 -20.48
C THR C 196 27.25 -9.53 -19.15
N HIS C 197 27.48 -10.85 -19.20
CA HIS C 197 27.73 -11.70 -18.02
C HIS C 197 26.50 -11.92 -17.14
N ARG C 198 25.40 -11.27 -17.52
CA ARG C 198 24.19 -11.17 -16.70
C ARG C 198 23.29 -12.40 -16.72
N GLN C 199 23.87 -13.59 -16.83
CA GLN C 199 23.08 -14.83 -16.85
C GLN C 199 22.57 -15.25 -15.47
N SER C 200 23.04 -14.56 -14.43
CA SER C 200 22.63 -14.84 -13.05
C SER C 200 21.22 -14.36 -12.71
N ILE C 201 20.67 -13.49 -13.54
CA ILE C 201 19.33 -12.91 -13.30
C ILE C 201 18.18 -13.87 -13.63
N LEU C 202 18.47 -14.90 -14.42
CA LEU C 202 17.46 -15.89 -14.83
C LEU C 202 16.73 -16.50 -13.63
N ALA C 203 17.50 -16.92 -12.63
CA ALA C 203 16.96 -17.47 -11.39
C ALA C 203 16.31 -16.39 -10.51
N LYS C 204 16.66 -15.14 -10.77
CA LYS C 204 16.13 -14.01 -10.01
C LYS C 204 14.85 -13.41 -10.62
N LEU C 205 14.57 -13.77 -11.88
CA LEU C 205 13.39 -13.28 -12.60
C LEU C 205 12.08 -13.72 -11.94
N PRO C 206 11.00 -12.92 -12.12
CA PRO C 206 9.69 -13.29 -11.56
C PRO C 206 9.04 -14.44 -12.34
N PRO C 207 8.34 -15.34 -11.62
CA PRO C 207 7.57 -16.42 -12.27
C PRO C 207 6.42 -15.88 -13.12
N LYS C 208 6.01 -16.65 -14.13
CA LYS C 208 4.95 -16.23 -15.07
C LYS C 208 3.64 -15.87 -14.39
N GLY C 209 3.35 -16.54 -13.27
CA GLY C 209 2.12 -16.33 -12.50
C GLY C 209 1.91 -14.92 -11.99
N LYS C 210 3.01 -14.22 -11.69
CA LYS C 210 2.94 -12.84 -11.19
C LYS C 210 2.25 -11.90 -12.18
N LEU C 211 2.75 -11.87 -13.43
CA LEU C 211 2.18 -11.03 -14.47
C LEU C 211 0.71 -11.33 -14.76
N ARG C 212 0.39 -12.61 -14.92
CA ARG C 212 -1.00 -13.06 -15.09
C ARG C 212 -1.89 -12.59 -13.96
N SER C 213 -1.38 -12.70 -12.72
CA SER C 213 -2.11 -12.32 -11.52
C SER C 213 -2.40 -10.83 -11.47
N LEU C 214 -1.45 -10.01 -11.92
CA LEU C 214 -1.65 -8.56 -12.02
C LEU C 214 -2.75 -8.19 -13.01
N CYS C 215 -2.76 -8.84 -14.17
CA CYS C 215 -3.79 -8.62 -15.19
C CYS C 215 -5.16 -9.12 -14.77
N SER C 216 -5.19 -10.26 -14.08
CA SER C 216 -6.43 -10.82 -13.54
C SER C 216 -7.05 -9.90 -12.51
N GLN C 217 -6.22 -9.39 -11.60
CA GLN C 217 -6.67 -8.44 -10.60
C GLN C 217 -7.20 -7.16 -11.25
N HIS C 218 -6.55 -6.73 -12.33
CA HIS C 218 -6.97 -5.53 -13.06
C HIS C 218 -8.35 -5.71 -13.71
N VAL C 219 -8.56 -6.86 -14.36
CA VAL C 219 -9.87 -7.18 -14.94
C VAL C 219 -10.92 -7.23 -13.83
N GLU C 220 -10.62 -7.93 -12.74
CA GLU C 220 -11.51 -8.04 -11.59
C GLU C 220 -11.86 -6.69 -10.96
N ARG C 221 -10.84 -5.86 -10.70
CA ARG C 221 -11.05 -4.55 -10.09
C ARG C 221 -11.84 -3.61 -10.99
N LEU C 222 -11.74 -3.80 -12.30
CA LEU C 222 -12.52 -3.02 -13.26
C LEU C 222 -13.99 -3.40 -13.23
N GLN C 223 -14.28 -4.69 -13.07
CA GLN C 223 -15.65 -5.15 -12.91
C GLN C 223 -16.33 -4.45 -11.75
N ILE C 224 -15.62 -4.36 -10.62
CA ILE C 224 -16.12 -3.70 -9.43
C ILE C 224 -16.37 -2.21 -9.72
N PHE C 225 -15.42 -1.56 -10.38
CA PHE C 225 -15.59 -0.16 -10.76
C PHE C 225 -16.79 0.05 -11.69
N GLN C 226 -16.90 -0.82 -12.70
CA GLN C 226 -17.99 -0.74 -13.68
C GLN C 226 -19.36 -0.96 -13.03
N HIS C 227 -19.39 -1.74 -11.94
CA HIS C 227 -20.62 -1.89 -11.19
C HIS C 227 -21.00 -0.59 -10.49
N LEU C 228 -20.01 0.07 -9.90
CA LEU C 228 -20.21 1.34 -9.19
C LEU C 228 -20.51 2.52 -10.12
N HIS C 229 -19.86 2.55 -11.28
CA HIS C 229 -20.02 3.64 -12.23
C HIS C 229 -20.17 3.14 -13.67
N PRO C 230 -21.35 2.56 -13.99
CA PRO C 230 -21.60 2.00 -15.33
C PRO C 230 -21.53 3.01 -16.47
N ILE C 231 -21.92 4.26 -16.21
CA ILE C 231 -22.00 5.27 -17.28
C ILE C 231 -20.64 5.86 -17.61
N VAL C 232 -19.81 6.05 -16.58
CA VAL C 232 -18.46 6.59 -16.74
C VAL C 232 -17.64 5.79 -17.75
N VAL C 233 -17.71 4.47 -17.64
CA VAL C 233 -17.03 3.57 -18.58
C VAL C 233 -17.49 3.82 -20.01
N GLN C 234 -18.82 3.83 -20.20
CA GLN C 234 -19.44 4.06 -21.50
C GLN C 234 -19.06 5.40 -22.13
N ALA C 235 -19.03 6.45 -21.30
CA ALA C 235 -18.98 7.83 -21.80
C ALA C 235 -17.58 8.45 -21.87
N ALA C 236 -16.69 8.06 -20.96
CA ALA C 236 -15.41 8.76 -20.84
C ALA C 236 -14.16 7.92 -21.09
N PHE C 237 -14.24 6.63 -20.79
CA PHE C 237 -13.11 5.70 -20.96
C PHE C 237 -12.72 5.49 -22.43
N PRO C 238 -11.41 5.41 -22.71
CA PRO C 238 -10.97 5.14 -24.09
C PRO C 238 -11.58 3.82 -24.56
N PRO C 239 -12.14 3.80 -25.78
CA PRO C 239 -12.79 2.61 -26.30
C PRO C 239 -11.88 1.38 -26.35
N LEU C 240 -10.58 1.59 -26.62
CA LEU C 240 -9.61 0.49 -26.64
C LEU C 240 -9.50 -0.18 -25.27
N TYR C 241 -9.42 0.63 -24.20
CA TYR C 241 -9.40 0.11 -22.84
C TYR C 241 -10.63 -0.76 -22.58
N LYS C 242 -11.79 -0.30 -23.04
CA LYS C 242 -13.03 -1.05 -22.89
C LYS C 242 -12.98 -2.39 -23.64
N GLU C 243 -12.48 -2.37 -24.88
CA GLU C 243 -12.37 -3.56 -25.70
C GLU C 243 -11.45 -4.62 -25.07
N LEU C 244 -10.32 -4.17 -24.52
CA LEU C 244 -9.31 -5.05 -23.95
C LEU C 244 -9.66 -5.62 -22.56
N PHE C 245 -10.33 -4.82 -21.74
CA PHE C 245 -10.46 -5.17 -20.31
C PHE C 245 -11.88 -5.32 -19.75
N SER C 246 -12.89 -4.77 -20.43
CA SER C 246 -14.28 -4.88 -19.99
C SER C 246 -14.79 -6.32 -20.14
N THR C 247 -15.34 -6.87 -19.07
CA THR C 247 -15.80 -8.25 -19.05
C THR C 247 -17.15 -8.39 -19.76
N TYR D 3 -41.99 36.67 -12.61
CA TYR D 3 -41.62 37.99 -12.01
C TYR D 3 -41.02 37.78 -10.62
N ALA D 4 -39.81 37.25 -10.59
CA ALA D 4 -39.15 36.81 -9.36
C ALA D 4 -38.94 37.94 -8.37
N SER D 5 -39.23 37.67 -7.10
CA SER D 5 -39.00 38.61 -6.01
C SER D 5 -37.54 38.56 -5.58
N LEU D 6 -37.11 39.56 -4.82
CA LEU D 6 -35.74 39.63 -4.30
C LEU D 6 -35.33 38.34 -3.56
N THR D 7 -36.27 37.78 -2.80
CA THR D 7 -36.04 36.52 -2.09
C THR D 7 -35.68 35.39 -3.04
N GLU D 8 -36.49 35.22 -4.09
CA GLU D 8 -36.28 34.20 -5.12
C GLU D 8 -34.97 34.40 -5.89
N ILE D 9 -34.61 35.67 -6.12
CA ILE D 9 -33.37 36.02 -6.81
C ILE D 9 -32.14 35.70 -5.96
N GLU D 10 -32.18 36.06 -4.68
CA GLU D 10 -31.09 35.78 -3.75
C GLU D 10 -30.93 34.27 -3.48
N HIS D 11 -32.06 33.56 -3.54
CA HIS D 11 -32.05 32.10 -3.48
C HIS D 11 -31.39 31.49 -4.71
N LEU D 12 -31.64 32.09 -5.88
CA LEU D 12 -31.07 31.66 -7.14
C LEU D 12 -29.55 31.89 -7.17
N VAL D 13 -29.11 32.99 -6.56
CA VAL D 13 -27.68 33.27 -6.36
C VAL D 13 -27.07 32.19 -5.46
N GLN D 14 -27.75 31.87 -4.36
CA GLN D 14 -27.28 30.89 -3.38
C GLN D 14 -27.22 29.47 -3.96
N SER D 15 -28.20 29.14 -4.79
CA SER D 15 -28.23 27.85 -5.49
C SER D 15 -27.13 27.72 -6.54
N VAL D 16 -26.89 28.80 -7.28
CA VAL D 16 -25.89 28.81 -8.36
C VAL D 16 -24.47 28.71 -7.81
N CYS D 17 -24.18 29.49 -6.77
CA CYS D 17 -22.86 29.51 -6.17
C CYS D 17 -22.51 28.18 -5.49
N LYS D 18 -23.51 27.55 -4.87
CA LYS D 18 -23.35 26.25 -4.23
C LYS D 18 -23.00 25.16 -5.23
N SER D 19 -23.78 25.09 -6.31
CA SER D 19 -23.58 24.11 -7.37
CA SER D 19 -23.57 24.10 -7.37
C SER D 19 -22.17 24.21 -7.96
N TYR D 20 -21.73 25.45 -8.17
CA TYR D 20 -20.40 25.73 -8.69
C TYR D 20 -19.30 25.29 -7.71
N ARG D 21 -19.46 25.65 -6.44
CA ARG D 21 -18.52 25.26 -5.38
C ARG D 21 -18.30 23.76 -5.30
N GLU D 22 -19.36 22.99 -5.55
CA GLU D 22 -19.34 21.54 -5.39
C GLU D 22 -18.90 20.79 -6.65
N THR D 23 -18.64 21.51 -7.73
CA THR D 23 -18.37 20.89 -9.03
C THR D 23 -17.16 21.47 -9.76
N CYS D 24 -16.20 21.97 -8.98
CA CYS D 24 -14.90 22.38 -9.51
C CYS D 24 -13.91 21.24 -9.36
N GLN D 25 -13.16 20.96 -10.42
CA GLN D 25 -12.13 19.93 -10.40
C GLN D 25 -10.94 20.37 -9.55
N LEU D 26 -10.51 21.63 -9.74
CA LEU D 26 -9.35 22.18 -9.05
C LEU D 26 -9.78 23.20 -7.99
N ARG D 27 -9.04 23.21 -6.87
CA ARG D 27 -9.27 24.18 -5.80
C ARG D 27 -8.50 25.45 -6.12
N LEU D 28 -9.10 26.60 -5.82
CA LEU D 28 -8.49 27.90 -6.08
C LEU D 28 -7.18 28.10 -5.31
N GLU D 29 -7.17 27.66 -4.06
CA GLU D 29 -5.96 27.78 -3.23
C GLU D 29 -4.76 27.02 -3.82
N ASP D 30 -5.00 25.80 -4.31
CA ASP D 30 -3.96 25.00 -4.96
C ASP D 30 -3.45 25.62 -6.25
N LEU D 31 -4.35 26.30 -6.97
CA LEU D 31 -3.99 26.97 -8.22
C LEU D 31 -3.11 28.19 -7.98
N LEU D 32 -3.32 28.88 -6.86
CA LEU D 32 -2.56 30.08 -6.54
C LEU D 32 -1.18 29.78 -5.95
N ARG D 33 -1.08 28.69 -5.17
CA ARG D 33 0.19 28.23 -4.62
C ARG D 33 1.15 27.83 -5.74
N GLN D 34 0.59 27.15 -6.75
CA GLN D 34 1.37 26.53 -7.80
C GLN D 34 1.80 27.47 -8.93
N ARG D 35 1.51 28.77 -8.78
CA ARG D 35 1.81 29.75 -9.82
C ARG D 35 3.29 29.82 -10.23
N SER D 36 4.18 29.65 -9.24
CA SER D 36 5.62 29.63 -9.49
C SER D 36 6.09 28.33 -10.15
N ASN D 37 5.28 27.28 -10.01
CA ASN D 37 5.59 25.99 -10.61
C ASN D 37 5.26 25.99 -12.11
N ILE D 38 6.21 26.49 -12.90
CA ILE D 38 6.06 26.64 -14.34
C ILE D 38 6.87 25.57 -15.08
N PHE D 39 6.35 25.11 -16.22
CA PHE D 39 7.06 24.15 -17.06
C PHE D 39 8.41 24.70 -17.50
N SER D 40 9.41 23.82 -17.52
CA SER D 40 10.76 24.18 -17.97
C SER D 40 10.84 24.22 -19.50
N ARG D 41 11.95 24.75 -20.01
CA ARG D 41 12.22 24.79 -21.45
C ARG D 41 12.33 23.38 -22.03
N GLU D 42 12.90 22.45 -21.26
CA GLU D 42 13.00 21.04 -21.67
C GLU D 42 11.62 20.37 -21.73
N GLU D 43 10.76 20.73 -20.78
CA GLU D 43 9.40 20.19 -20.69
C GLU D 43 8.50 20.69 -21.82
N VAL D 44 8.60 21.98 -22.13
CA VAL D 44 7.88 22.58 -23.27
C VAL D 44 8.31 21.89 -24.57
N THR D 45 9.61 21.72 -24.75
CA THR D 45 10.17 21.02 -25.91
C THR D 45 9.55 19.62 -26.04
N GLY D 46 9.44 18.91 -24.91
CA GLY D 46 8.80 17.59 -24.86
C GLY D 46 7.42 17.58 -25.47
N TYR D 47 6.56 18.47 -24.97
CA TYR D 47 5.18 18.61 -25.48
C TYR D 47 5.12 18.98 -26.96
N GLN D 48 6.11 19.73 -27.43
CA GLN D 48 6.16 20.16 -28.83
C GLN D 48 6.65 19.04 -29.75
N ARG D 49 7.46 18.12 -29.22
CA ARG D 49 7.94 16.97 -29.99
C ARG D 49 6.90 15.84 -30.03
N LYS D 50 5.87 15.94 -29.19
CA LYS D 50 4.78 14.97 -29.16
C LYS D 50 4.02 14.95 -30.47
N SER D 51 3.60 13.77 -30.90
CA SER D 51 2.86 13.62 -32.16
C SER D 51 1.49 14.29 -32.07
N MET D 52 0.95 14.68 -33.22
CA MET D 52 -0.35 15.33 -33.29
C MET D 52 -1.46 14.46 -32.69
N TRP D 53 -1.40 13.16 -32.95
CA TRP D 53 -2.39 12.22 -32.43
C TRP D 53 -2.34 12.12 -30.90
N GLU D 54 -1.12 12.12 -30.34
CA GLU D 54 -0.94 11.95 -28.91
C GLU D 54 -1.46 13.15 -28.14
N MET D 55 -1.14 14.36 -28.62
CA MET D 55 -1.54 15.60 -27.97
C MET D 55 -3.06 15.83 -28.02
N TRP D 56 -3.67 15.54 -29.17
CA TRP D 56 -5.14 15.63 -29.30
C TRP D 56 -5.83 14.66 -28.36
N GLU D 57 -5.29 13.45 -28.27
CA GLU D 57 -5.78 12.43 -27.35
C GLU D 57 -5.64 12.89 -25.90
N ARG D 58 -4.49 13.45 -25.57
CA ARG D 58 -4.24 13.98 -24.24
C ARG D 58 -5.25 15.07 -23.86
N CYS D 59 -5.38 16.07 -24.73
CA CYS D 59 -6.21 17.23 -24.44
C CYS D 59 -7.71 16.92 -24.46
N ALA D 60 -8.14 16.12 -25.44
CA ALA D 60 -9.54 15.69 -25.51
C ALA D 60 -9.97 14.98 -24.24
N HIS D 61 -9.06 14.20 -23.66
CA HIS D 61 -9.34 13.51 -22.41
C HIS D 61 -9.53 14.47 -21.24
N HIS D 62 -8.55 15.35 -21.03
CA HIS D 62 -8.60 16.34 -19.96
C HIS D 62 -9.80 17.26 -20.10
N LEU D 63 -10.10 17.64 -21.34
CA LEU D 63 -11.26 18.47 -21.64
C LEU D 63 -12.55 17.73 -21.31
N THR D 64 -12.60 16.44 -21.60
CA THR D 64 -13.79 15.62 -21.29
C THR D 64 -14.03 15.52 -19.78
N GLU D 65 -12.96 15.44 -19.00
CA GLU D 65 -13.08 15.46 -17.54
C GLU D 65 -13.71 16.76 -17.07
N ALA D 66 -13.21 17.89 -17.57
CA ALA D 66 -13.78 19.21 -17.28
C ALA D 66 -15.26 19.29 -17.64
N ILE D 67 -15.62 18.75 -18.81
CA ILE D 67 -17.01 18.75 -19.30
C ILE D 67 -17.93 17.91 -18.40
N GLN D 68 -17.42 16.77 -17.93
CA GLN D 68 -18.15 15.92 -16.98
C GLN D 68 -18.53 16.67 -15.72
N TYR D 69 -17.63 17.54 -15.26
CA TYR D 69 -17.88 18.43 -14.14
C TYR D 69 -18.91 19.51 -14.47
N VAL D 70 -18.95 19.93 -15.74
CA VAL D 70 -19.94 20.90 -16.22
C VAL D 70 -21.33 20.26 -16.23
N VAL D 71 -21.40 18.98 -16.59
CA VAL D 71 -22.67 18.24 -16.53
C VAL D 71 -23.15 18.13 -15.08
N GLU D 72 -22.23 17.87 -14.15
CA GLU D 72 -22.55 17.80 -12.72
C GLU D 72 -22.99 19.16 -12.17
N PHE D 73 -22.44 20.22 -12.75
CA PHE D 73 -22.84 21.59 -12.42
C PHE D 73 -24.30 21.86 -12.84
N ALA D 74 -24.65 21.44 -14.05
CA ALA D 74 -26.01 21.60 -14.56
C ALA D 74 -27.03 20.76 -13.79
N LYS D 75 -26.63 19.54 -13.43
CA LYS D 75 -27.48 18.61 -12.68
C LYS D 75 -27.87 19.09 -11.28
N ARG D 76 -27.06 19.97 -10.71
CA ARG D 76 -27.31 20.49 -9.37
C ARG D 76 -27.95 21.87 -9.40
N LEU D 77 -28.10 22.41 -10.62
CA LEU D 77 -28.47 23.81 -10.79
C LEU D 77 -29.98 24.05 -10.74
N SER D 78 -30.34 25.18 -10.13
CA SER D 78 -31.74 25.60 -10.01
C SER D 78 -32.23 26.11 -11.36
N GLY D 79 -33.33 25.52 -11.82
CA GLY D 79 -33.91 25.92 -13.08
C GLY D 79 -33.57 24.98 -14.21
N PHE D 80 -32.33 24.49 -14.23
CA PHE D 80 -31.90 23.62 -15.32
C PHE D 80 -32.66 22.30 -15.34
N MET D 81 -32.69 21.61 -14.20
CA MET D 81 -33.35 20.31 -14.10
C MET D 81 -34.87 20.41 -14.26
N GLU D 82 -35.40 21.61 -14.07
CA GLU D 82 -36.82 21.90 -14.27
C GLU D 82 -37.16 22.07 -15.75
N LEU D 83 -36.15 22.34 -16.57
CA LEU D 83 -36.35 22.46 -18.02
C LEU D 83 -36.58 21.08 -18.62
N CYS D 84 -37.25 21.04 -19.76
CA CYS D 84 -37.57 19.78 -20.41
C CYS D 84 -36.30 19.10 -20.95
N GLN D 85 -36.36 17.78 -21.08
CA GLN D 85 -35.25 16.95 -21.55
C GLN D 85 -34.57 17.47 -22.83
N ASN D 86 -35.35 17.78 -23.86
CA ASN D 86 -34.81 18.29 -25.13
C ASN D 86 -33.96 19.52 -24.92
N ASP D 87 -34.47 20.47 -24.14
CA ASP D 87 -33.78 21.75 -23.89
C ASP D 87 -32.52 21.55 -23.05
N GLN D 88 -32.56 20.58 -22.13
CA GLN D 88 -31.39 20.23 -21.32
C GLN D 88 -30.25 19.74 -22.22
N ILE D 89 -30.59 18.85 -23.16
CA ILE D 89 -29.65 18.32 -24.14
C ILE D 89 -29.07 19.45 -25.02
N VAL D 90 -29.95 20.29 -25.57
CA VAL D 90 -29.56 21.39 -26.46
C VAL D 90 -28.60 22.38 -25.80
N LEU D 91 -28.95 22.82 -24.59
CA LEU D 91 -28.12 23.78 -23.85
C LEU D 91 -26.76 23.22 -23.46
N LEU D 92 -26.72 21.98 -22.96
CA LEU D 92 -25.45 21.35 -22.61
C LEU D 92 -24.58 21.05 -23.83
N LYS D 93 -25.17 20.46 -24.87
CA LYS D 93 -24.44 20.14 -26.09
C LYS D 93 -23.77 21.36 -26.73
N ALA D 94 -24.41 22.52 -26.62
CA ALA D 94 -23.87 23.76 -27.18
C ALA D 94 -23.01 24.54 -26.18
N GLY D 95 -23.35 24.42 -24.89
CA GLY D 95 -22.71 25.25 -23.87
C GLY D 95 -21.59 24.62 -23.06
N ALA D 96 -21.51 23.29 -23.06
CA ALA D 96 -20.54 22.60 -22.20
C ALA D 96 -19.13 23.11 -22.41
N MET D 97 -18.71 23.20 -23.67
CA MET D 97 -17.39 23.73 -24.01
C MET D 97 -17.24 25.19 -23.57
N GLU D 98 -18.30 25.98 -23.78
CA GLU D 98 -18.32 27.39 -23.41
C GLU D 98 -18.09 27.60 -21.90
N VAL D 99 -18.74 26.76 -21.07
CA VAL D 99 -18.57 26.85 -19.62
C VAL D 99 -17.11 26.55 -19.23
N VAL D 100 -16.50 25.58 -19.91
CA VAL D 100 -15.11 25.21 -19.66
C VAL D 100 -14.14 26.32 -20.01
N LEU D 101 -14.37 26.98 -21.16
CA LEU D 101 -13.52 28.09 -21.58
C LEU D 101 -13.60 29.30 -20.62
N VAL D 102 -14.73 29.43 -19.93
CA VAL D 102 -14.88 30.48 -18.92
C VAL D 102 -14.23 30.09 -17.58
N ARG D 103 -14.45 28.85 -17.15
CA ARG D 103 -13.85 28.32 -15.91
C ARG D 103 -12.31 28.35 -15.91
N MET D 104 -11.74 28.39 -17.12
CA MET D 104 -10.29 28.41 -17.32
C MET D 104 -9.58 29.60 -16.68
N CYS D 105 -10.28 30.73 -16.54
CA CYS D 105 -9.70 31.94 -15.95
C CYS D 105 -9.26 31.77 -14.48
N ARG D 106 -9.79 30.74 -13.81
CA ARG D 106 -9.31 30.32 -12.49
C ARG D 106 -7.94 29.68 -12.57
N ALA D 107 -7.71 28.94 -13.66
CA ALA D 107 -6.46 28.21 -13.86
C ALA D 107 -5.50 28.99 -14.74
N TYR D 108 -5.79 30.27 -14.93
CA TYR D 108 -5.04 31.12 -15.84
C TYR D 108 -4.29 32.23 -15.10
N ASN D 109 -2.97 32.25 -15.26
CA ASN D 109 -2.13 33.30 -14.70
C ASN D 109 -1.87 34.41 -15.72
N ALA D 110 -2.54 35.54 -15.53
CA ALA D 110 -2.45 36.66 -16.46
C ALA D 110 -1.07 37.33 -16.52
N ASP D 111 -0.33 37.23 -15.41
CA ASP D 111 1.01 37.83 -15.28
C ASP D 111 2.03 37.30 -16.30
N ASN D 112 1.91 36.01 -16.64
CA ASN D 112 2.82 35.38 -17.61
C ASN D 112 2.12 34.63 -18.74
N ARG D 113 0.80 34.81 -18.85
CA ARG D 113 -0.02 34.15 -19.87
C ARG D 113 0.14 32.62 -19.88
N THR D 114 -0.12 31.99 -18.73
CA THR D 114 -0.01 30.53 -18.61
C THR D 114 -1.31 29.91 -18.11
N VAL D 115 -1.55 28.65 -18.47
CA VAL D 115 -2.68 27.89 -17.95
C VAL D 115 -2.19 26.64 -17.21
N PHE D 116 -2.89 26.28 -16.14
CA PHE D 116 -2.59 25.07 -15.37
C PHE D 116 -3.00 23.82 -16.17
N PHE D 117 -2.00 23.17 -16.76
CA PHE D 117 -2.21 21.95 -17.54
C PHE D 117 -1.28 20.83 -17.08
N GLU D 118 -1.86 19.72 -16.64
CA GLU D 118 -1.13 18.53 -16.17
C GLU D 118 -0.11 18.78 -15.06
N GLY D 119 -0.53 19.50 -14.02
CA GLY D 119 0.29 19.70 -12.83
C GLY D 119 1.15 20.96 -12.80
N LYS D 120 1.34 21.58 -13.96
CA LYS D 120 2.15 22.79 -14.04
C LYS D 120 1.48 23.90 -14.87
N TYR D 121 2.06 25.09 -14.81
CA TYR D 121 1.64 26.20 -15.66
C TYR D 121 2.50 26.27 -16.91
N GLY D 122 1.85 26.63 -18.03
CA GLY D 122 2.55 26.78 -19.30
C GLY D 122 1.81 27.66 -20.30
N GLY D 123 2.57 28.32 -21.16
CA GLY D 123 2.01 29.20 -22.19
C GLY D 123 1.37 28.43 -23.33
N MET D 124 0.77 29.14 -24.27
CA MET D 124 0.12 28.55 -25.44
C MET D 124 1.07 27.68 -26.28
N GLU D 125 2.35 27.96 -26.15
CA GLU D 125 3.44 27.22 -26.82
C GLU D 125 3.41 25.71 -26.55
N LEU D 126 2.99 25.33 -25.35
CA LEU D 126 2.79 23.92 -24.96
C LEU D 126 1.97 23.11 -25.95
N PHE D 127 0.99 23.76 -26.58
CA PHE D 127 -0.02 23.09 -27.38
C PHE D 127 0.30 23.11 -28.86
N ARG D 128 1.58 23.31 -29.18
CA ARG D 128 2.07 23.40 -30.55
C ARG D 128 1.65 22.20 -31.39
N ALA D 129 1.85 21.00 -30.85
CA ALA D 129 1.62 19.73 -31.56
C ALA D 129 0.20 19.53 -32.09
N LEU D 130 -0.77 20.22 -31.48
CA LEU D 130 -2.17 20.13 -31.90
C LEU D 130 -2.42 20.60 -33.33
N GLY D 131 -1.54 21.48 -33.82
CA GLY D 131 -1.66 22.03 -35.17
C GLY D 131 -2.85 22.95 -35.33
N CYS D 132 -3.11 23.76 -34.31
CA CYS D 132 -4.19 24.75 -34.34
C CYS D 132 -3.88 25.93 -33.41
N SER D 133 -2.76 26.59 -33.68
CA SER D 133 -2.27 27.68 -32.83
C SER D 133 -3.15 28.94 -32.86
N GLU D 134 -3.98 29.08 -33.88
CA GLU D 134 -4.92 30.20 -33.97
C GLU D 134 -6.03 30.07 -32.93
N LEU D 135 -6.64 28.89 -32.85
CA LEU D 135 -7.66 28.58 -31.85
C LEU D 135 -7.11 28.63 -30.42
N ILE D 136 -5.89 28.14 -30.24
CA ILE D 136 -5.27 28.11 -28.91
C ILE D 136 -4.94 29.51 -28.38
N SER D 137 -4.47 30.38 -29.28
CA SER D 137 -4.12 31.75 -28.90
CA SER D 137 -4.12 31.76 -28.92
C SER D 137 -5.35 32.56 -28.51
N SER D 138 -6.46 32.36 -29.24
CA SER D 138 -7.73 33.02 -28.96
C SER D 138 -8.35 32.59 -27.62
N ILE D 139 -8.15 31.32 -27.26
CA ILE D 139 -8.59 30.79 -25.97
C ILE D 139 -7.81 31.47 -24.84
N PHE D 140 -6.51 31.64 -25.06
CA PHE D 140 -5.66 32.39 -24.12
C PHE D 140 -6.06 33.86 -24.04
N ASP D 141 -6.39 34.45 -25.20
CA ASP D 141 -6.89 35.82 -25.27
C ASP D 141 -8.21 35.99 -24.52
N PHE D 142 -9.07 34.96 -24.61
CA PHE D 142 -10.36 34.97 -23.93
C PHE D 142 -10.19 34.96 -22.41
N SER D 143 -9.32 34.09 -21.91
CA SER D 143 -9.02 34.00 -20.48
C SER D 143 -8.38 35.29 -19.96
N HIS D 144 -7.59 35.94 -20.81
CA HIS D 144 -6.93 37.19 -20.45
C HIS D 144 -7.96 38.32 -20.27
N SER D 145 -8.92 38.39 -21.18
CA SER D 145 -10.03 39.33 -21.08
C SER D 145 -10.73 39.21 -19.73
N LEU D 146 -10.96 37.98 -19.31
CA LEU D 146 -11.71 37.69 -18.07
C LEU D 146 -10.91 37.96 -16.81
N SER D 147 -9.60 37.79 -16.89
CA SER D 147 -8.71 38.06 -15.76
C SER D 147 -8.70 39.55 -15.41
N ALA D 148 -8.92 40.39 -16.42
CA ALA D 148 -8.98 41.84 -16.24
C ALA D 148 -10.21 42.27 -15.44
N LEU D 149 -11.23 41.41 -15.42
CA LEU D 149 -12.48 41.69 -14.72
C LEU D 149 -12.42 41.31 -13.24
N HIS D 150 -11.33 40.64 -12.86
CA HIS D 150 -11.07 40.23 -11.47
C HIS D 150 -12.26 39.57 -10.79
N PHE D 151 -12.78 38.50 -11.39
CA PHE D 151 -13.92 37.76 -10.84
C PHE D 151 -13.58 37.03 -9.53
N SER D 152 -14.57 36.95 -8.65
CA SER D 152 -14.48 36.05 -7.50
C SER D 152 -15.14 34.71 -7.90
N GLU D 153 -15.08 33.73 -7.00
CA GLU D 153 -15.67 32.40 -7.23
C GLU D 153 -17.16 32.50 -7.56
N ASP D 154 -17.89 33.29 -6.79
CA ASP D 154 -19.33 33.46 -6.95
C ASP D 154 -19.72 34.14 -8.25
N GLU D 155 -18.86 35.04 -8.72
CA GLU D 155 -19.09 35.76 -9.97
C GLU D 155 -18.85 34.87 -11.20
N ILE D 156 -17.82 34.02 -11.15
CA ILE D 156 -17.58 33.02 -12.19
C ILE D 156 -18.77 32.05 -12.25
N ALA D 157 -19.26 31.65 -11.07
CA ALA D 157 -20.44 30.82 -10.94
C ALA D 157 -21.64 31.39 -11.69
N LEU D 158 -21.95 32.66 -11.42
CA LEU D 158 -23.11 33.34 -11.99
C LEU D 158 -22.96 33.54 -13.49
N TYR D 159 -21.74 33.89 -13.91
CA TYR D 159 -21.41 34.04 -15.33
C TYR D 159 -21.53 32.70 -16.08
N THR D 160 -20.95 31.63 -15.54
CA THR D 160 -21.03 30.31 -16.19
C THR D 160 -22.48 29.78 -16.31
N ALA D 161 -23.29 30.01 -15.29
CA ALA D 161 -24.71 29.66 -15.31
C ALA D 161 -25.44 30.39 -16.44
N LEU D 162 -25.07 31.66 -16.64
CA LEU D 162 -25.62 32.50 -17.70
C LEU D 162 -25.16 32.02 -19.08
N VAL D 163 -23.94 31.51 -19.15
CA VAL D 163 -23.39 30.94 -20.39
C VAL D 163 -24.13 29.65 -20.79
N LEU D 164 -24.51 28.84 -19.80
CA LEU D 164 -25.25 27.61 -20.05
C LEU D 164 -26.70 27.88 -20.43
N ILE D 165 -27.36 28.77 -19.70
CA ILE D 165 -28.77 29.10 -19.94
C ILE D 165 -28.83 30.23 -20.98
N ASN D 166 -28.74 29.84 -22.25
CA ASN D 166 -28.67 30.75 -23.37
C ASN D 166 -29.86 30.53 -24.30
N ALA D 167 -30.77 31.48 -24.33
CA ALA D 167 -32.00 31.37 -25.13
C ALA D 167 -31.80 31.47 -26.65
N HIS D 168 -30.60 31.91 -27.07
CA HIS D 168 -30.28 32.04 -28.49
C HIS D 168 -30.00 30.70 -29.22
N ARG D 169 -29.74 29.64 -28.45
CA ARG D 169 -29.43 28.31 -29.03
C ARG D 169 -30.56 27.82 -29.92
N PRO D 170 -30.23 27.37 -31.15
CA PRO D 170 -31.23 26.77 -32.03
C PRO D 170 -31.67 25.40 -31.52
N GLY D 171 -32.95 25.09 -31.69
CA GLY D 171 -33.48 23.78 -31.34
C GLY D 171 -34.32 23.72 -30.07
N LEU D 172 -34.44 24.87 -29.40
CA LEU D 172 -35.16 24.93 -28.12
C LEU D 172 -36.67 24.75 -28.27
N GLN D 173 -37.25 23.98 -27.35
CA GLN D 173 -38.65 23.57 -27.38
C GLN D 173 -39.52 24.47 -26.50
N GLU D 174 -38.99 24.86 -25.34
CA GLU D 174 -39.66 25.79 -24.45
C GLU D 174 -38.82 27.07 -24.33
N LYS D 175 -38.68 27.77 -25.45
CA LYS D 175 -37.83 28.96 -25.53
C LYS D 175 -38.24 30.03 -24.51
N ARG D 176 -39.55 30.18 -24.31
CA ARG D 176 -40.10 31.11 -23.33
C ARG D 176 -39.60 30.82 -21.92
N LYS D 177 -39.50 29.53 -21.56
CA LYS D 177 -39.07 29.12 -20.24
C LYS D 177 -37.55 29.29 -20.02
N VAL D 178 -36.77 29.14 -21.09
CA VAL D 178 -35.33 29.38 -21.03
C VAL D 178 -35.06 30.89 -20.95
N GLU D 179 -35.86 31.66 -21.68
CA GLU D 179 -35.77 33.13 -21.64
C GLU D 179 -36.00 33.67 -20.23
N GLN D 180 -36.96 33.08 -19.53
CA GLN D 180 -37.31 33.49 -18.17
C GLN D 180 -36.20 33.16 -17.17
N LEU D 181 -35.58 31.99 -17.34
CA LEU D 181 -34.47 31.58 -16.48
C LEU D 181 -33.22 32.40 -16.79
N GLN D 182 -33.01 32.71 -18.06
CA GLN D 182 -31.88 33.55 -18.48
C GLN D 182 -31.97 34.94 -17.86
N TYR D 183 -33.17 35.53 -17.90
CA TYR D 183 -33.39 36.85 -17.34
C TYR D 183 -33.18 36.87 -15.83
N ASN D 184 -33.72 35.88 -15.12
CA ASN D 184 -33.55 35.79 -13.68
C ASN D 184 -32.09 35.68 -13.26
N LEU D 185 -31.31 34.92 -14.03
CA LEU D 185 -29.89 34.79 -13.80
C LEU D 185 -29.16 36.09 -14.12
N GLU D 186 -29.65 36.82 -15.12
CA GLU D 186 -29.14 38.17 -15.39
C GLU D 186 -29.41 39.11 -14.21
N LEU D 187 -30.61 39.02 -13.64
CA LEU D 187 -30.97 39.76 -12.43
C LEU D 187 -30.13 39.33 -11.23
N ALA D 188 -29.94 38.01 -11.10
CA ALA D 188 -29.09 37.44 -10.05
C ALA D 188 -27.66 37.97 -10.13
N PHE D 189 -27.15 38.04 -11.35
CA PHE D 189 -25.81 38.56 -11.60
C PHE D 189 -25.72 40.05 -11.28
N HIS D 190 -26.71 40.81 -11.76
CA HIS D 190 -26.81 42.24 -11.45
C HIS D 190 -26.83 42.50 -9.95
N HIS D 191 -27.70 41.78 -9.23
CA HIS D 191 -27.88 41.97 -7.79
C HIS D 191 -26.61 41.66 -7.02
N HIS D 192 -25.96 40.54 -7.35
CA HIS D 192 -24.75 40.14 -6.67
C HIS D 192 -23.59 41.13 -6.89
N LEU D 193 -23.42 41.55 -8.14
CA LEU D 193 -22.37 42.52 -8.48
C LEU D 193 -22.58 43.87 -7.78
N SER D 194 -23.84 44.18 -7.48
CA SER D 194 -24.21 45.45 -6.83
C SER D 194 -23.80 45.51 -5.35
N LYS D 195 -23.62 44.35 -4.72
CA LYS D 195 -23.21 44.26 -3.32
C LYS D 195 -21.85 44.88 -3.06
N THR D 196 -20.97 44.83 -4.07
CA THR D 196 -19.62 45.37 -3.96
C THR D 196 -19.35 46.45 -5.02
N HIS D 197 -20.44 46.96 -5.61
CA HIS D 197 -20.40 48.03 -6.62
C HIS D 197 -19.52 47.71 -7.83
N ARG D 198 -19.87 46.63 -8.51
CA ARG D 198 -19.23 46.27 -9.76
C ARG D 198 -20.22 45.78 -10.82
N GLN D 199 -21.38 46.42 -10.87
CA GLN D 199 -22.35 46.22 -11.94
C GLN D 199 -21.76 46.65 -13.29
N SER D 200 -20.87 47.63 -13.23
CA SER D 200 -20.19 48.18 -14.40
C SER D 200 -19.47 47.15 -15.26
N ILE D 201 -19.03 46.06 -14.65
CA ILE D 201 -18.25 45.03 -15.35
C ILE D 201 -19.09 44.15 -16.28
N LEU D 202 -20.41 44.24 -16.16
CA LEU D 202 -21.32 43.52 -17.05
C LEU D 202 -21.23 44.04 -18.49
N ALA D 203 -20.90 45.32 -18.62
CA ALA D 203 -20.66 45.94 -19.92
C ALA D 203 -19.35 45.44 -20.51
N LYS D 204 -18.42 45.07 -19.63
CA LYS D 204 -17.08 44.64 -20.03
C LYS D 204 -17.01 43.15 -20.40
N LEU D 205 -18.13 42.45 -20.25
CA LEU D 205 -18.24 41.03 -20.63
C LEU D 205 -18.08 40.83 -22.13
N PRO D 206 -17.32 39.78 -22.54
CA PRO D 206 -17.12 39.51 -23.95
C PRO D 206 -18.44 39.18 -24.65
N PRO D 207 -18.61 39.65 -25.89
CA PRO D 207 -19.83 39.37 -26.65
C PRO D 207 -20.04 37.87 -26.84
N LYS D 208 -21.29 37.41 -26.78
CA LYS D 208 -21.63 35.99 -26.90
C LYS D 208 -21.00 35.33 -28.12
N GLY D 209 -20.69 36.14 -29.13
CA GLY D 209 -20.09 35.67 -30.37
C GLY D 209 -18.66 35.19 -30.23
N LYS D 210 -17.94 35.71 -29.24
CA LYS D 210 -16.57 35.28 -28.96
C LYS D 210 -16.52 33.81 -28.55
N LEU D 211 -17.42 33.40 -27.65
CA LEU D 211 -17.53 32.00 -27.24
C LEU D 211 -18.01 31.07 -28.37
N ARG D 212 -18.93 31.56 -29.21
CA ARG D 212 -19.38 30.79 -30.38
C ARG D 212 -18.24 30.54 -31.37
N SER D 213 -17.45 31.58 -31.63
CA SER D 213 -16.29 31.50 -32.52
C SER D 213 -15.35 30.37 -32.09
N LEU D 214 -14.94 30.38 -30.82
CA LEU D 214 -14.02 29.39 -30.29
C LEU D 214 -14.58 27.97 -30.39
N CYS D 215 -15.87 27.84 -30.12
CA CYS D 215 -16.56 26.55 -30.21
C CYS D 215 -16.71 26.03 -31.64
N SER D 216 -16.98 26.95 -32.57
CA SER D 216 -17.04 26.63 -34.00
C SER D 216 -15.67 26.21 -34.53
N GLN D 217 -14.62 26.90 -34.08
CA GLN D 217 -13.26 26.61 -34.50
C GLN D 217 -12.81 25.24 -33.99
N HIS D 218 -13.10 24.97 -32.72
CA HIS D 218 -12.84 23.67 -32.11
C HIS D 218 -13.45 22.54 -32.93
N VAL D 219 -14.75 22.64 -33.21
CA VAL D 219 -15.46 21.64 -34.01
C VAL D 219 -14.80 21.47 -35.38
N GLU D 220 -14.41 22.59 -35.98
CA GLU D 220 -13.75 22.59 -37.29
C GLU D 220 -12.39 21.87 -37.27
N ARG D 221 -11.53 22.23 -36.32
CA ARG D 221 -10.20 21.62 -36.19
C ARG D 221 -10.27 20.13 -35.95
N LEU D 222 -11.23 19.71 -35.12
CA LEU D 222 -11.45 18.29 -34.83
C LEU D 222 -11.84 17.52 -36.09
N GLN D 223 -12.66 18.13 -36.95
CA GLN D 223 -13.07 17.51 -38.21
C GLN D 223 -11.86 17.25 -39.11
N ILE D 224 -10.93 18.20 -39.14
CA ILE D 224 -9.65 18.03 -39.82
C ILE D 224 -8.84 16.89 -39.18
N PHE D 225 -8.60 17.00 -37.87
CA PHE D 225 -7.84 15.98 -37.16
C PHE D 225 -8.43 14.58 -37.32
N GLN D 226 -9.75 14.46 -37.16
CA GLN D 226 -10.43 13.18 -37.27
C GLN D 226 -10.31 12.59 -38.67
N HIS D 227 -10.34 13.44 -39.70
CA HIS D 227 -10.16 12.97 -41.07
C HIS D 227 -8.75 12.41 -41.30
N LEU D 228 -7.75 13.06 -40.71
CA LEU D 228 -6.36 12.64 -40.82
C LEU D 228 -6.02 11.42 -39.94
N HIS D 229 -6.70 11.28 -38.80
CA HIS D 229 -6.45 10.16 -37.89
C HIS D 229 -7.75 9.49 -37.42
N PRO D 230 -8.49 8.85 -38.34
CA PRO D 230 -9.80 8.29 -38.00
C PRO D 230 -9.75 7.09 -37.04
N ILE D 231 -8.61 6.41 -37.01
CA ILE D 231 -8.42 5.25 -36.14
C ILE D 231 -8.20 5.70 -34.70
N VAL D 232 -7.30 6.67 -34.51
CA VAL D 232 -6.97 7.20 -33.19
C VAL D 232 -8.20 7.71 -32.43
N VAL D 233 -9.06 8.43 -33.15
CA VAL D 233 -10.29 8.98 -32.58
C VAL D 233 -11.26 7.85 -32.20
N GLN D 234 -11.42 6.89 -33.10
CA GLN D 234 -12.35 5.79 -32.86
C GLN D 234 -11.91 4.93 -31.68
N ALA D 235 -10.59 4.78 -31.49
CA ALA D 235 -10.04 3.84 -30.52
C ALA D 235 -9.63 4.44 -29.17
N ALA D 236 -9.23 5.71 -29.16
CA ALA D 236 -8.67 6.33 -27.96
C ALA D 236 -9.47 7.50 -27.39
N PHE D 237 -10.11 8.29 -28.27
CA PHE D 237 -10.88 9.47 -27.86
C PHE D 237 -12.11 9.13 -27.04
N PRO D 238 -12.39 9.90 -25.96
CA PRO D 238 -13.56 9.63 -25.13
C PRO D 238 -14.86 9.70 -25.94
N PRO D 239 -15.76 8.74 -25.75
CA PRO D 239 -17.06 8.68 -26.43
C PRO D 239 -17.95 9.92 -26.22
N LEU D 240 -17.86 10.56 -25.05
CA LEU D 240 -18.59 11.81 -24.80
C LEU D 240 -18.04 12.96 -25.64
N TYR D 241 -16.72 13.05 -25.74
CA TYR D 241 -16.07 14.06 -26.56
C TYR D 241 -16.53 13.94 -28.02
N LYS D 242 -16.48 12.73 -28.55
CA LYS D 242 -16.88 12.45 -29.93
C LYS D 242 -18.34 12.84 -30.18
N GLU D 243 -19.24 12.40 -29.31
CA GLU D 243 -20.67 12.68 -29.41
C GLU D 243 -21.01 14.18 -29.46
N LEU D 244 -20.28 14.99 -28.69
CA LEU D 244 -20.55 16.42 -28.60
C LEU D 244 -19.92 17.25 -29.72
N PHE D 245 -18.78 16.81 -30.23
CA PHE D 245 -17.99 17.67 -31.10
C PHE D 245 -17.75 17.15 -32.54
N SER D 246 -17.96 15.87 -32.77
CA SER D 246 -17.72 15.28 -34.10
C SER D 246 -18.81 15.62 -35.10
N THR E 7 -15.01 -13.36 12.39
CA THR E 7 -13.63 -12.77 12.42
C THR E 7 -13.07 -12.70 13.84
N LEU E 8 -11.77 -12.42 13.95
CA LEU E 8 -11.08 -12.36 15.24
C LEU E 8 -11.57 -11.22 16.14
N LEU E 9 -11.90 -10.08 15.55
CA LEU E 9 -12.48 -8.97 16.30
C LEU E 9 -13.82 -9.35 16.94
N GLN E 10 -14.65 -10.07 16.17
CA GLN E 10 -15.93 -10.61 16.67
C GLN E 10 -15.69 -11.49 17.89
N LEU E 11 -14.73 -12.41 17.77
CA LEU E 11 -14.39 -13.33 18.86
C LEU E 11 -13.93 -12.63 20.13
N LEU E 12 -13.11 -11.60 19.98
CA LEU E 12 -12.59 -10.86 21.13
C LEU E 12 -13.65 -9.99 21.82
N LEU E 13 -14.74 -9.72 21.11
CA LEU E 13 -15.84 -8.91 21.64
C LEU E 13 -17.01 -9.76 22.15
N GLY E 14 -16.98 -11.06 21.84
CA GLY E 14 -18.06 -11.99 22.23
C GLY E 14 -19.31 -11.84 21.40
N THR F 7 0.17 -26.77 4.77
CA THR F 7 0.74 -26.43 6.10
C THR F 7 1.75 -25.28 5.98
N LEU F 8 2.03 -24.64 7.11
CA LEU F 8 2.97 -23.53 7.14
C LEU F 8 4.41 -24.00 7.02
N LEU F 9 4.66 -25.23 7.46
CA LEU F 9 5.96 -25.87 7.30
C LEU F 9 6.30 -26.07 5.82
N GLN F 10 5.34 -26.58 5.05
CA GLN F 10 5.49 -26.72 3.61
C GLN F 10 5.95 -25.41 2.96
N LEU F 11 5.23 -24.34 3.28
CA LEU F 11 5.49 -23.01 2.72
C LEU F 11 6.84 -22.44 3.12
N LEU F 12 7.26 -22.70 4.35
CA LEU F 12 8.57 -22.23 4.83
C LEU F 12 9.73 -23.01 4.21
N LEU F 13 9.46 -24.26 3.81
CA LEU F 13 10.47 -25.11 3.16
C LEU F 13 10.54 -24.91 1.66
N GLY F 14 9.40 -24.60 1.03
CA GLY F 14 9.36 -24.33 -0.41
C GLY F 14 8.11 -24.87 -1.09
N THR G 7 -12.63 -5.29 -34.84
CA THR G 7 -12.27 -4.69 -33.51
C THR G 7 -11.27 -3.54 -33.67
N LEU G 8 -11.12 -2.74 -32.61
CA LEU G 8 -10.23 -1.58 -32.63
C LEU G 8 -8.75 -1.98 -32.70
N LEU G 9 -8.46 -3.16 -32.18
CA LEU G 9 -7.12 -3.73 -32.25
C LEU G 9 -6.74 -4.08 -33.69
N GLN G 10 -7.67 -4.71 -34.41
CA GLN G 10 -7.53 -4.99 -35.84
C GLN G 10 -7.27 -3.71 -36.62
N LEU G 11 -8.01 -2.65 -36.29
CA LEU G 11 -7.87 -1.35 -36.94
C LEU G 11 -6.49 -0.74 -36.74
N LEU G 12 -5.96 -0.82 -35.53
CA LEU G 12 -4.65 -0.26 -35.20
C LEU G 12 -3.50 -1.01 -35.87
N LEU G 13 -3.70 -2.30 -36.14
CA LEU G 13 -2.69 -3.13 -36.79
C LEU G 13 -2.72 -3.01 -38.32
N GLY G 14 -3.91 -2.84 -38.88
CA GLY G 14 -4.09 -2.72 -40.34
C GLY G 14 -5.27 -3.51 -40.88
N THR H 7 -28.36 8.39 -26.20
CA THR H 7 -27.06 9.12 -26.26
C THR H 7 -26.42 9.17 -24.88
N LEU H 8 -25.11 9.37 -24.86
CA LEU H 8 -24.35 9.38 -23.60
C LEU H 8 -24.76 10.57 -22.71
N LEU H 9 -25.09 11.68 -23.36
CA LEU H 9 -25.60 12.84 -22.65
C LEU H 9 -26.97 12.54 -22.00
N GLN H 10 -27.82 11.82 -22.71
CA GLN H 10 -29.11 11.37 -22.17
C GLN H 10 -28.92 10.49 -20.93
N LEU H 11 -27.94 9.59 -20.99
CA LEU H 11 -27.59 8.72 -19.86
C LEU H 11 -27.06 9.51 -18.65
N LEU H 12 -26.11 10.41 -18.90
CA LEU H 12 -25.51 11.23 -17.85
C LEU H 12 -26.53 12.11 -17.10
N LEU H 13 -27.52 12.61 -17.84
CA LEU H 13 -28.57 13.43 -17.26
C LEU H 13 -29.72 12.58 -16.71
N GLY H 14 -29.72 11.31 -17.09
CA GLY H 14 -30.71 10.35 -16.63
C GLY H 14 -32.05 10.49 -17.32
N HIS H 15 -32.03 10.67 -18.64
CA HIS H 15 -33.25 10.75 -19.43
C HIS H 15 -33.74 9.35 -19.82
C65 C3S I . 6.31 -1.70 10.97
C63 C3S I . 5.22 -1.32 12.02
C69 C3S I . 5.11 -2.46 13.07
C60 C3S I . 5.55 0.07 12.64
C57 C3S I . 5.29 0.22 14.16
C54 C3S I . 6.64 0.29 14.92
C48 C3S I . 6.61 0.96 16.34
C50 C3S I . 6.33 2.48 16.21
C38 C3S I . 5.64 0.24 17.34
C35 C3S I . 6.00 -1.27 17.53
C29 C3S I . 5.52 0.77 18.81
C26 C3S I . 4.52 1.96 19.03
C40 C3S I . 6.94 1.13 19.37
C30 C3S I . 4.86 -0.46 19.48
C32 C3S I . 5.70 -1.65 19.00
C18 C3S I . 4.65 -0.31 21.02
C15 C3S I . 3.98 -1.59 21.61
C20 C3S I . 3.75 0.93 21.31
C23 C3S I . 4.24 2.20 20.54
C22 C3S I . 3.56 1.15 22.85
C44 C3S I . 4.87 1.75 23.50
C12 C3S I . 3.25 -0.17 23.56
C9 C3S I . 2.71 -0.10 24.98
C13 C3S I . 3.45 -1.38 22.99
C1 C3S I . 2.37 2.14 23.07
C4 C3S I . 1.99 2.32 24.57
C7 C3S I . 1.61 0.96 25.21
O6 C3S I . 1.43 1.07 26.64
S1 C3S I . 0.08 1.44 27.19
O3 C3S I . 0.27 1.71 28.60
O2 C3S I . -0.88 0.40 26.89
O4 C3S I . -0.34 2.71 26.52
C65 C3S J . 4.85 -22.08 27.59
C63 C3S J . 6.04 -22.50 26.69
C69 C3S J . 6.41 -21.34 25.73
C60 C3S J . 7.22 -23.00 27.59
C57 C3S J . 8.64 -22.63 27.13
C54 C3S J . 9.22 -21.49 28.04
C48 C3S J . 10.75 -21.25 27.88
C50 C3S J . 11.55 -22.48 28.39
C38 C3S J . 11.14 -20.82 26.41
C35 C3S J . 10.32 -19.61 25.87
C29 C3S J . 12.61 -20.40 26.12
C26 C3S J . 13.64 -21.58 25.96
C40 C3S J . 13.11 -19.34 27.16
C30 C3S J . 12.45 -19.83 24.68
C32 C3S J . 11.16 -18.97 24.73
C18 C3S J . 13.75 -19.18 24.14
C15 C3S J . 13.52 -18.60 22.72
C20 C3S J . 14.89 -20.25 24.09
C23 C3S J . 15.01 -21.06 25.43
C22 C3S J . 16.26 -19.64 23.60
C44 C3S J . 16.99 -18.83 24.72
C12 C3S J . 16.03 -18.71 22.39
C9 C3S J . 17.26 -18.30 21.61
C13 C3S J . 14.82 -18.26 22.02
C1 C3S J . 17.17 -20.83 23.14
C4 C3S J . 18.47 -20.40 22.42
C7 C3S J . 18.15 -19.50 21.20
O6 C3S J . 19.35 -18.92 20.64
S1 C3S J . 20.11 -19.64 19.56
O3 C3S J . 21.40 -18.99 19.47
O2 C3S J . 19.34 -19.67 18.33
O4 C3S J . 20.33 -21.06 20.03
C65 C3S K . -6.71 0.79 -12.07
C63 C3S K . -5.77 0.54 -13.30
C69 C3S K . -5.82 1.76 -14.25
C60 C3S K . -4.34 0.16 -12.78
C57 C3S K . -3.14 0.87 -13.45
C54 C3S K . -2.67 2.09 -12.60
C48 C3S K . -1.20 2.56 -12.81
C50 C3S K . -0.22 1.56 -12.11
C38 C3S K . -0.84 2.83 -14.32
C35 C3S K . -1.73 3.95 -14.96
C29 C3S K . 0.62 3.22 -14.72
C26 C3S K . 1.59 2.01 -14.92
C40 C3S K . 1.23 4.26 -13.71
C30 C3S K . 0.37 3.78 -16.14
C32 C3S K . -0.85 4.73 -15.98
C18 C3S K . 1.64 4.36 -16.80
C15 C3S K . 1.30 4.90 -18.23
C20 C3S K . 2.73 3.25 -16.93
C23 C3S K . 2.91 2.44 -15.60
C22 C3S K . 4.06 3.83 -17.51
C44 C3S K . 4.79 4.72 -16.44
C12 C3S K . 3.77 4.69 -18.75
C9 C3S K . 4.93 5.04 -19.67
C13 C3S K . 2.55 5.15 -19.05
C1 C3S K . 5.00 2.65 -17.94
C4 C3S K . 6.26 3.08 -18.74
C7 C3S K . 5.86 3.85 -20.02
O6 C3S K . 6.96 4.45 -20.69
S1 C3S K . 7.64 3.77 -21.85
O3 C3S K . 8.79 4.60 -22.19
O2 C3S K . 6.71 3.55 -22.94
O4 C3S K . 8.14 2.45 -21.33
C65 C3S L . -7.85 20.19 -29.17
C63 C3S L . -8.81 20.68 -28.05
C69 C3S L . -8.77 19.67 -26.86
C60 C3S L . -8.47 22.16 -27.67
C57 C3S L . -8.50 22.50 -26.14
C54 C3S L . -7.06 22.62 -25.58
C48 C3S L . -6.92 23.26 -24.15
C50 C3S L . -7.26 24.78 -24.21
C38 C3S L . -7.70 22.49 -23.03
C35 C3S L . -7.23 21.01 -22.86
C29 C3S L . -7.69 23.04 -21.56
C26 C3S L . -8.70 24.18 -21.26
C40 C3S L . -6.24 23.43 -21.13
C30 C3S L . -8.24 21.80 -20.80
C32 C3S L . -7.41 20.63 -21.36
C18 C3S L . -8.31 21.98 -19.25
C15 C3S L . -8.91 20.71 -18.57
C20 C3S L . -9.19 23.22 -18.88
C23 C3S L . -8.83 24.48 -19.74
C22 C3S L . -9.20 23.49 -17.33
C44 C3S L . -7.85 24.11 -16.85
C12 C3S L . -9.42 22.19 -16.57
C9 C3S L . -9.81 22.30 -15.10
C13 C3S L . -9.29 20.97 -17.14
C1 C3S L . -10.37 24.47 -17.00
C4 C3S L . -10.56 24.72 -15.47
C7 C3S L . -10.89 23.37 -14.78
O6 C3S L . -10.93 23.49 -13.35
S1 C3S L . -12.26 23.63 -12.66
O3 C3S L . -12.01 23.77 -11.24
O2 C3S L . -13.10 22.49 -13.01
O4 C3S L . -12.88 24.91 -13.16
#